data_6XL4
#
_entry.id   6XL4
#
_cell.length_a   71.542
_cell.length_b   101.707
_cell.length_c   86.972
_cell.angle_alpha   90.000
_cell.angle_beta   102.720
_cell.angle_gamma   90.000
#
_symmetry.space_group_name_H-M   'P 1 21 1'
#
loop_
_entity.id
_entity.type
_entity.pdbx_description
1 polymer 'Epidermal growth factor receptor'
2 non-polymer ~{N}-[2-[2-(dimethylamino)ethyl-methyl-amino]-4-methoxy-5-[[4-(1-methylindol-3-yl)pyrimidin-2-yl]amino]phenyl]propanamide
3 non-polymer 10-benzyl-8-fluoro-5,10-dihydro-11H-dibenzo[b,e][1,4]diazepin-11-one
4 non-polymer 'MAGNESIUM ION'
5 non-polymer 'PHOSPHOAMINOPHOSPHONIC ACID-ADENYLATE ESTER'
6 water water
#
_entity_poly.entity_id   1
_entity_poly.type   'polypeptide(L)'
_entity_poly.pdbx_seq_one_letter_code
;SGEAPNQALLRILKETEFKKIKVLGSGAFGTVYKGLWIPEGEKVKIPVAIKELREATSPKANKEILDEAYVMASVDNPHV
CRLLGICLTSTVQLIMQLMPFGCLLDYVREHKDNIGSQYLLNWCVQIAKGMNYLEDRRLVHRDLAARNVLVKTPQHVKIT
DFGLAKLLGAEEKEYHAEGGKVPIKWMALESILHRIYTHQSDVWSYGVTVWELMTFGSKPYDGIPASEISSILEKGERLP
QPPICTIDVYMIMRKCWMIDADSRPKFRELIIEFSKMARDPQRYLVIQGDERMHLPSPTDSNFYRALMDEEDMDDVVDAD
EYLIPQQG
;
_entity_poly.pdbx_strand_id   A,B,C,D
#
loop_
_chem_comp.id
_chem_comp.type
_chem_comp.name
_chem_comp.formula
ANP non-polymer 'PHOSPHOAMINOPHOSPHONIC ACID-ADENYLATE ESTER' 'C10 H17 N6 O12 P3'
MG non-polymer 'MAGNESIUM ION' 'Mg 2'
NQ1 non-polymer 10-benzyl-8-fluoro-5,10-dihydro-11H-dibenzo[b,e][1,4]diazepin-11-one 'C20 H15 F N2 O'
Q6K non-polymer ~{N}-[2-[2-(dimethylamino)ethyl-methyl-amino]-4-methoxy-5-[[4-(1-methylindol-3-yl)pyrimidin-2-yl]amino]phenyl]propanamide 'C28 H35 N7 O2'
#
# COMPACT_ATOMS: atom_id res chain seq x y z
N ASN A 6 14.75 -14.02 6.15
CA ASN A 6 13.91 -14.09 7.33
C ASN A 6 13.61 -15.54 7.67
N GLN A 7 13.96 -15.96 8.90
CA GLN A 7 13.71 -17.34 9.31
C GLN A 7 12.23 -17.64 9.43
N ALA A 8 11.41 -16.63 9.75
CA ALA A 8 9.98 -16.83 9.90
C ALA A 8 9.26 -17.10 8.57
N LEU A 9 9.92 -16.90 7.44
CA LEU A 9 9.29 -17.13 6.15
C LEU A 9 9.21 -18.61 5.79
N LEU A 10 10.03 -19.46 6.41
CA LEU A 10 10.07 -20.89 6.12
C LEU A 10 9.57 -21.65 7.34
N ARG A 11 8.49 -22.41 7.17
CA ARG A 11 7.92 -23.20 8.25
C ARG A 11 8.57 -24.58 8.28
N ILE A 12 9.07 -24.97 9.45
CA ILE A 12 9.52 -26.34 9.67
C ILE A 12 8.30 -27.17 10.04
N LEU A 13 8.01 -28.21 9.25
CA LEU A 13 6.81 -28.99 9.44
C LEU A 13 7.10 -30.33 10.12
N LYS A 14 6.12 -30.81 10.86
CA LYS A 14 6.11 -32.15 11.40
C LYS A 14 5.40 -33.09 10.44
N GLU A 15 5.79 -34.35 10.47
CA GLU A 15 5.27 -35.32 9.51
C GLU A 15 3.77 -35.54 9.68
N THR A 16 3.24 -35.34 10.87
CA THR A 16 1.81 -35.48 11.11
C THR A 16 0.98 -34.31 10.57
N GLU A 17 1.63 -33.21 10.13
CA GLU A 17 0.91 -32.03 9.68
C GLU A 17 0.39 -32.14 8.26
N PHE A 18 0.84 -33.11 7.48
CA PHE A 18 0.46 -33.15 6.07
C PHE A 18 0.37 -34.60 5.61
N LYS A 19 -0.39 -34.79 4.52
CA LYS A 19 -0.61 -36.09 3.91
C LYS A 19 -0.55 -35.94 2.39
N LYS A 20 0.12 -36.89 1.74
CA LYS A 20 0.13 -36.94 0.28
C LYS A 20 -1.12 -37.64 -0.21
N ILE A 21 -1.76 -37.09 -1.24
CA ILE A 21 -3.02 -37.64 -1.75
C ILE A 21 -2.85 -38.21 -3.16
N LYS A 22 -2.04 -37.58 -4.00
CA LYS A 22 -1.94 -38.06 -5.37
C LYS A 22 -0.64 -37.55 -5.97
N VAL A 23 0.01 -38.41 -6.76
CA VAL A 23 1.20 -37.98 -7.47
C VAL A 23 0.81 -37.05 -8.62
N LEU A 24 1.53 -35.96 -8.75
CA LEU A 24 1.38 -35.04 -9.89
C LEU A 24 2.37 -35.38 -10.99
N GLY A 25 3.49 -36.01 -10.63
CA GLY A 25 4.50 -36.47 -11.55
C GLY A 25 5.74 -36.85 -10.78
N SER A 26 6.62 -37.63 -11.39
CA SER A 26 7.85 -38.02 -10.74
C SER A 26 8.96 -38.11 -11.77
N GLY A 27 10.16 -37.70 -11.36
CA GLY A 27 11.34 -37.81 -12.19
C GLY A 27 12.56 -38.25 -11.40
N ALA A 28 13.73 -37.91 -11.93
CA ALA A 28 14.99 -38.14 -11.24
C ALA A 28 15.20 -37.15 -10.10
N PHE A 29 14.36 -36.13 -10.01
CA PHE A 29 14.51 -35.04 -9.05
C PHE A 29 13.71 -35.27 -7.79
N GLY A 30 12.85 -36.27 -7.78
CA GLY A 30 11.98 -36.57 -6.68
C GLY A 30 10.56 -36.75 -7.18
N THR A 31 9.63 -36.85 -6.25
CA THR A 31 8.22 -36.98 -6.59
C THR A 31 7.49 -35.76 -6.05
N VAL A 32 6.56 -35.23 -6.84
CA VAL A 32 5.72 -34.11 -6.42
C VAL A 32 4.31 -34.64 -6.25
N TYR A 33 3.74 -34.43 -5.07
CA TYR A 33 2.40 -34.88 -4.74
C TYR A 33 1.45 -33.70 -4.56
N LYS A 34 0.18 -33.95 -4.88
CA LYS A 34 -0.90 -33.13 -4.36
C LYS A 34 -1.17 -33.58 -2.93
N GLY A 35 -1.22 -32.62 -1.99
CA GLY A 35 -1.26 -32.94 -0.58
C GLY A 35 -2.26 -32.10 0.17
N LEU A 36 -2.40 -32.43 1.45
CA LEU A 36 -3.27 -31.72 2.38
C LEU A 36 -2.48 -31.30 3.59
N TRP A 37 -2.57 -30.02 3.97
CA TRP A 37 -1.98 -29.55 5.21
C TRP A 37 -3.03 -29.60 6.31
N ILE A 38 -2.72 -30.31 7.38
CA ILE A 38 -3.62 -30.48 8.52
C ILE A 38 -3.04 -29.76 9.73
N PRO A 39 -3.45 -28.48 9.99
CA PRO A 39 -3.00 -27.77 11.16
C PRO A 39 -3.35 -28.44 12.50
N GLU A 40 -2.37 -28.51 13.39
CA GLU A 40 -2.58 -29.12 14.72
C GLU A 40 -3.67 -28.38 15.51
N GLY A 41 -4.63 -29.12 16.01
CA GLY A 41 -5.72 -28.56 16.82
C GLY A 41 -6.93 -28.26 15.96
N GLU A 42 -6.81 -28.48 14.66
CA GLU A 42 -7.91 -28.03 13.79
C GLU A 42 -8.57 -29.20 13.08
N LYS A 43 -9.65 -28.94 12.36
CA LYS A 43 -10.35 -29.93 11.55
C LYS A 43 -10.24 -29.69 10.05
N VAL A 44 -9.46 -28.69 9.61
CA VAL A 44 -9.41 -28.32 8.20
C VAL A 44 -8.27 -29.05 7.50
N LYS A 45 -8.48 -29.30 6.20
CA LYS A 45 -7.48 -29.91 5.34
C LYS A 45 -7.25 -28.97 4.15
N ILE A 46 -6.04 -28.44 4.03
CA ILE A 46 -5.72 -27.38 3.08
C ILE A 46 -4.87 -27.99 1.96
N PRO A 47 -5.31 -27.90 0.70
CA PRO A 47 -4.52 -28.46 -0.40
C PRO A 47 -3.17 -27.75 -0.57
N VAL A 48 -2.12 -28.53 -0.71
CA VAL A 48 -0.76 -28.03 -0.94
C VAL A 48 -0.06 -28.94 -1.95
N ALA A 49 1.08 -28.47 -2.45
CA ALA A 49 1.99 -29.29 -3.24
C ALA A 49 3.15 -29.72 -2.37
N ILE A 50 3.51 -30.99 -2.46
CA ILE A 50 4.56 -31.60 -1.64
C ILE A 50 5.57 -32.24 -2.55
N LYS A 51 6.85 -31.94 -2.32
CA LYS A 51 7.95 -32.50 -3.09
C LYS A 51 8.78 -33.40 -2.19
N GLU A 52 8.86 -34.67 -2.54
CA GLU A 52 9.68 -35.65 -1.85
C GLU A 52 10.95 -35.86 -2.66
N LEU A 53 12.11 -35.63 -2.06
CA LEU A 53 13.36 -35.79 -2.78
C LEU A 53 13.57 -37.27 -3.09
N ARG A 54 14.54 -37.53 -3.97
CA ARG A 54 14.74 -38.90 -4.44
C ARG A 54 15.68 -39.69 -3.54
N GLU A 55 16.80 -39.13 -3.16
CA GLU A 55 17.74 -39.81 -2.29
C GLU A 55 17.59 -39.32 -0.85
N ALA A 56 17.84 -40.22 0.09
CA ALA A 56 17.92 -39.83 1.49
C ALA A 56 19.21 -39.05 1.73
N THR A 57 19.13 -38.02 2.57
CA THR A 57 20.23 -37.10 2.78
C THR A 57 20.72 -37.16 4.22
N SER A 58 21.97 -36.75 4.40
CA SER A 58 22.58 -36.69 5.71
C SER A 58 22.23 -35.39 6.42
N PRO A 59 22.43 -35.32 7.74
CA PRO A 59 22.17 -34.04 8.44
C PRO A 59 22.96 -32.87 7.88
N LYS A 60 24.23 -33.08 7.52
CA LYS A 60 25.01 -31.98 6.94
C LYS A 60 24.43 -31.56 5.59
N ALA A 61 24.04 -32.53 4.76
CA ALA A 61 23.36 -32.20 3.52
C ALA A 61 22.07 -31.44 3.78
N ASN A 62 21.34 -31.83 4.84
CA ASN A 62 20.08 -31.18 5.15
C ASN A 62 20.29 -29.70 5.51
N LYS A 63 21.35 -29.40 6.27
CA LYS A 63 21.60 -28.01 6.65
C LYS A 63 21.78 -27.14 5.41
N GLU A 64 22.53 -27.64 4.41
CA GLU A 64 22.71 -26.88 3.19
C GLU A 64 21.40 -26.73 2.43
N ILE A 65 20.58 -27.79 2.42
CA ILE A 65 19.25 -27.68 1.84
C ILE A 65 18.43 -26.61 2.57
N LEU A 66 18.54 -26.59 3.89
CA LEU A 66 17.75 -25.65 4.68
C LEU A 66 18.20 -24.21 4.44
N ASP A 67 19.51 -23.99 4.27
CA ASP A 67 20.01 -22.65 4.00
C ASP A 67 19.43 -22.10 2.70
N GLU A 68 19.40 -22.93 1.66
CA GLU A 68 18.82 -22.50 0.40
C GLU A 68 17.31 -22.35 0.50
N ALA A 69 16.67 -23.22 1.29
CA ALA A 69 15.23 -23.13 1.49
C ALA A 69 14.84 -21.80 2.11
N TYR A 70 15.68 -21.28 3.02
CA TYR A 70 15.41 -19.96 3.61
C TYR A 70 15.42 -18.87 2.54
N VAL A 71 16.33 -18.95 1.58
CA VAL A 71 16.37 -17.96 0.50
C VAL A 71 15.14 -18.08 -0.39
N MET A 72 14.78 -19.32 -0.76
CA MET A 72 13.64 -19.53 -1.64
C MET A 72 12.33 -19.15 -0.97
N ALA A 73 12.27 -19.21 0.36
CA ALA A 73 11.11 -18.74 1.10
C ALA A 73 11.04 -17.23 1.18
N SER A 74 12.11 -16.53 0.79
CA SER A 74 12.19 -15.08 0.94
C SER A 74 11.78 -14.32 -0.31
N VAL A 75 11.47 -15.00 -1.40
CA VAL A 75 11.05 -14.30 -2.61
C VAL A 75 9.62 -13.82 -2.44
N ASP A 76 9.36 -12.59 -2.86
CA ASP A 76 8.05 -11.94 -2.69
C ASP A 76 7.77 -11.17 -3.98
N ASN A 77 7.12 -11.85 -4.94
CA ASN A 77 6.82 -11.22 -6.21
C ASN A 77 5.62 -11.93 -6.81
N PRO A 78 4.67 -11.19 -7.40
CA PRO A 78 3.44 -11.83 -7.91
C PRO A 78 3.68 -12.85 -9.01
N HIS A 79 4.86 -12.86 -9.64
CA HIS A 79 5.12 -13.77 -10.75
C HIS A 79 6.23 -14.76 -10.42
N VAL A 80 6.51 -14.96 -9.13
CA VAL A 80 7.48 -15.94 -8.65
C VAL A 80 6.86 -16.74 -7.52
N CYS A 81 6.87 -18.06 -7.65
CA CYS A 81 6.42 -18.92 -6.56
C CYS A 81 7.45 -18.91 -5.43
N ARG A 82 6.97 -18.94 -4.19
CA ARG A 82 7.87 -18.97 -3.04
C ARG A 82 7.72 -20.29 -2.28
N LEU A 83 8.84 -20.80 -1.80
CA LEU A 83 8.84 -22.00 -0.97
C LEU A 83 8.21 -21.70 0.38
N LEU A 84 7.29 -22.57 0.81
CA LEU A 84 6.53 -22.35 2.02
C LEU A 84 7.05 -23.13 3.23
N GLY A 85 7.40 -24.41 3.06
CA GLY A 85 7.80 -25.20 4.21
C GLY A 85 8.68 -26.36 3.84
N ILE A 86 9.18 -27.03 4.89
CA ILE A 86 10.10 -28.15 4.73
C ILE A 86 9.89 -29.12 5.89
N CYS A 87 10.00 -30.41 5.59
CA CYS A 87 9.92 -31.48 6.58
C CYS A 87 11.18 -32.32 6.44
N LEU A 88 11.91 -32.49 7.53
CA LEU A 88 13.25 -33.08 7.48
C LEU A 88 13.21 -34.53 7.96
N THR A 89 12.59 -35.38 7.14
CA THR A 89 12.63 -36.82 7.40
C THR A 89 13.90 -37.43 6.80
N SER A 90 13.93 -38.76 6.65
CA SER A 90 15.08 -39.40 6.00
C SER A 90 15.26 -38.88 4.58
N THR A 91 14.16 -38.72 3.86
CA THR A 91 14.17 -37.97 2.62
C THR A 91 13.43 -36.67 2.91
N VAL A 92 13.89 -35.60 2.32
CA VAL A 92 13.37 -34.28 2.63
C VAL A 92 12.12 -33.99 1.81
N GLN A 93 11.12 -33.42 2.46
CA GLN A 93 9.88 -33.04 1.81
C GLN A 93 9.72 -31.54 1.91
N LEU A 94 9.32 -30.93 0.80
CA LEU A 94 9.17 -29.49 0.68
C LEU A 94 7.74 -29.18 0.28
N ILE A 95 7.22 -28.06 0.78
CA ILE A 95 5.83 -27.70 0.58
C ILE A 95 5.75 -26.32 -0.06
N MET A 96 4.88 -26.19 -1.06
CA MET A 96 4.59 -24.91 -1.69
C MET A 96 3.10 -24.87 -1.99
N GLN A 97 2.65 -23.73 -2.51
CA GLN A 97 1.24 -23.59 -2.84
C GLN A 97 0.89 -24.45 -4.05
N LEU A 98 -0.29 -25.07 -4.01
CA LEU A 98 -0.77 -25.88 -5.12
C LEU A 98 -1.40 -25.00 -6.19
N MET A 99 -0.99 -25.21 -7.44
CA MET A 99 -1.55 -24.49 -8.57
C MET A 99 -2.49 -25.45 -9.30
N PRO A 100 -3.80 -25.39 -9.07
CA PRO A 100 -4.71 -26.38 -9.66
C PRO A 100 -4.73 -26.40 -11.18
N PHE A 101 -4.35 -25.29 -11.83
CA PHE A 101 -4.34 -25.25 -13.29
C PHE A 101 -3.14 -25.96 -13.90
N GLY A 102 -2.13 -26.28 -13.09
CA GLY A 102 -0.95 -26.97 -13.58
C GLY A 102 0.08 -26.02 -14.17
N CYS A 103 1.02 -26.63 -14.89
CA CYS A 103 2.12 -25.89 -15.50
C CYS A 103 1.72 -25.33 -16.85
N LEU A 104 2.45 -24.31 -17.29
CA LEU A 104 2.12 -23.62 -18.53
C LEU A 104 2.35 -24.51 -19.75
N LEU A 105 3.32 -25.43 -19.68
CA LEU A 105 3.58 -26.33 -20.79
C LEU A 105 2.36 -27.19 -21.09
N ASP A 106 1.83 -27.89 -20.08
CA ASP A 106 0.64 -28.69 -20.28
C ASP A 106 -0.55 -27.83 -20.69
N TYR A 107 -0.63 -26.60 -20.17
CA TYR A 107 -1.77 -25.75 -20.46
C TYR A 107 -1.83 -25.39 -21.94
N VAL A 108 -0.72 -24.96 -22.52
CA VAL A 108 -0.75 -24.56 -23.93
C VAL A 108 -0.93 -25.77 -24.83
N ARG A 109 -0.41 -26.93 -24.43
CA ARG A 109 -0.68 -28.14 -25.19
C ARG A 109 -2.15 -28.50 -25.12
N GLU A 110 -2.77 -28.35 -23.94
CA GLU A 110 -4.17 -28.67 -23.76
C GLU A 110 -5.10 -27.70 -24.48
N HIS A 111 -4.69 -26.46 -24.59
CA HIS A 111 -5.54 -25.44 -25.25
C HIS A 111 -4.93 -25.09 -26.60
N LYS A 112 -4.26 -26.06 -27.21
CA LYS A 112 -3.57 -25.85 -28.51
C LYS A 112 -4.55 -25.32 -29.52
N ASP A 113 -4.12 -24.19 -30.04
CA ASP A 113 -4.79 -23.37 -31.07
C ASP A 113 -6.05 -22.76 -30.48
N ASN A 114 -6.35 -22.94 -29.18
CA ASN A 114 -7.49 -22.17 -28.72
C ASN A 114 -7.09 -21.03 -27.78
N ILE A 115 -5.83 -20.60 -27.81
CA ILE A 115 -5.32 -19.54 -26.97
C ILE A 115 -5.15 -18.29 -27.82
N GLY A 116 -5.67 -17.16 -27.34
CA GLY A 116 -5.55 -15.92 -28.09
C GLY A 116 -4.21 -15.24 -27.88
N SER A 117 -3.92 -14.27 -28.76
CA SER A 117 -2.63 -13.58 -28.72
C SER A 117 -2.47 -12.74 -27.45
N GLN A 118 -3.58 -12.26 -26.88
CA GLN A 118 -3.48 -11.44 -25.68
C GLN A 118 -2.92 -12.26 -24.51
N TYR A 119 -3.36 -13.51 -24.38
CA TYR A 119 -2.86 -14.38 -23.32
C TYR A 119 -1.38 -14.69 -23.51
N LEU A 120 -0.99 -15.11 -24.71
CA LEU A 120 0.39 -15.52 -24.98
C LEU A 120 1.36 -14.37 -24.69
N LEU A 121 1.04 -13.17 -25.15
CA LEU A 121 1.94 -12.05 -24.94
C LEU A 121 1.96 -11.60 -23.49
N ASN A 122 0.83 -11.68 -22.78
CA ASN A 122 0.84 -11.33 -21.37
C ASN A 122 1.63 -12.32 -20.55
N TRP A 123 1.56 -13.61 -20.89
CA TRP A 123 2.40 -14.61 -20.23
C TRP A 123 3.88 -14.28 -20.41
N CYS A 124 4.29 -13.85 -21.60
CA CYS A 124 5.68 -13.48 -21.83
C CYS A 124 6.10 -12.31 -20.96
N VAL A 125 5.19 -11.33 -20.76
CA VAL A 125 5.50 -10.20 -19.89
C VAL A 125 5.68 -10.67 -18.45
N GLN A 126 4.75 -11.51 -17.97
CA GLN A 126 4.78 -11.94 -16.58
C GLN A 126 6.01 -12.79 -16.27
N ILE A 127 6.37 -13.69 -17.19
CA ILE A 127 7.57 -14.50 -16.99
C ILE A 127 8.81 -13.60 -16.94
N ALA A 128 8.88 -12.60 -17.82
CA ALA A 128 10.02 -11.69 -17.82
C ALA A 128 10.04 -10.84 -16.55
N LYS A 129 8.87 -10.43 -16.06
CA LYS A 129 8.80 -9.70 -14.80
C LYS A 129 9.35 -10.55 -13.65
N GLY A 130 8.93 -11.82 -13.59
CA GLY A 130 9.43 -12.71 -12.56
C GLY A 130 10.93 -12.95 -12.66
N MET A 131 11.44 -13.07 -13.89
CA MET A 131 12.87 -13.26 -14.08
C MET A 131 13.65 -12.01 -13.72
N ASN A 132 13.09 -10.84 -14.06
CA ASN A 132 13.72 -9.58 -13.66
C ASN A 132 13.78 -9.46 -12.14
N TYR A 133 12.74 -9.93 -11.45
CA TYR A 133 12.78 -9.93 -9.99
C TYR A 133 13.91 -10.83 -9.48
N LEU A 134 14.05 -12.03 -10.05
CA LEU A 134 15.12 -12.92 -9.64
C LEU A 134 16.48 -12.29 -9.87
N GLU A 135 16.65 -11.60 -11.00
CA GLU A 135 17.92 -10.93 -11.26
C GLU A 135 18.18 -9.81 -10.26
N ASP A 136 17.15 -9.02 -9.94
CA ASP A 136 17.30 -7.99 -8.92
C ASP A 136 17.66 -8.59 -7.57
N ARG A 137 17.15 -9.78 -7.27
CA ARG A 137 17.59 -10.50 -6.08
C ARG A 137 18.87 -11.28 -6.34
N ARG A 138 19.39 -11.19 -7.56
CA ARG A 138 20.63 -11.83 -7.99
C ARG A 138 20.61 -13.34 -7.71
N LEU A 139 19.48 -13.96 -8.05
CA LEU A 139 19.31 -15.41 -8.00
C LEU A 139 19.23 -15.90 -9.43
N VAL A 140 20.07 -16.89 -9.76
CA VAL A 140 20.06 -17.47 -11.10
C VAL A 140 19.15 -18.69 -11.09
N HIS A 141 18.26 -18.75 -12.07
CA HIS A 141 17.26 -19.83 -12.12
C HIS A 141 17.93 -21.15 -12.49
N ARG A 142 18.58 -21.20 -13.64
CA ARG A 142 19.33 -22.29 -14.25
C ARG A 142 18.42 -23.35 -14.88
N ASP A 143 17.09 -23.24 -14.75
CA ASP A 143 16.20 -24.23 -15.37
C ASP A 143 14.87 -23.59 -15.76
N LEU A 144 14.93 -22.40 -16.36
CA LEU A 144 13.71 -21.77 -16.84
C LEU A 144 13.19 -22.51 -18.06
N ALA A 145 11.92 -22.92 -18.01
CA ALA A 145 11.27 -23.62 -19.11
C ALA A 145 9.77 -23.55 -18.88
N ALA A 146 9.01 -23.89 -19.93
CA ALA A 146 7.55 -23.82 -19.83
C ALA A 146 7.02 -24.79 -18.78
N ARG A 147 7.72 -25.89 -18.52
CA ARG A 147 7.31 -26.79 -17.46
C ARG A 147 7.49 -26.18 -16.08
N ASN A 148 8.39 -25.20 -15.95
CA ASN A 148 8.65 -24.53 -14.68
C ASN A 148 7.99 -23.16 -14.60
N VAL A 149 6.91 -22.97 -15.36
CA VAL A 149 6.02 -21.82 -15.19
C VAL A 149 4.65 -22.39 -14.82
N LEU A 150 4.15 -22.04 -13.64
CA LEU A 150 2.89 -22.57 -13.17
C LEU A 150 1.76 -21.58 -13.41
N VAL A 151 0.58 -22.11 -13.70
CA VAL A 151 -0.60 -21.31 -14.00
C VAL A 151 -1.41 -21.17 -12.71
N LYS A 152 -1.38 -19.98 -12.11
CA LYS A 152 -2.24 -19.68 -10.97
C LYS A 152 -3.69 -19.51 -11.43
N THR A 153 -3.91 -18.60 -12.36
CA THR A 153 -5.12 -18.50 -13.16
C THR A 153 -4.69 -18.36 -14.62
N PRO A 154 -5.61 -18.54 -15.58
CA PRO A 154 -5.26 -18.29 -16.97
C PRO A 154 -4.65 -16.91 -17.22
N GLN A 155 -4.96 -15.96 -16.34
CA GLN A 155 -4.46 -14.59 -16.44
C GLN A 155 -3.21 -14.35 -15.61
N HIS A 156 -2.70 -15.35 -14.90
CA HIS A 156 -1.65 -15.13 -13.91
C HIS A 156 -0.76 -16.36 -13.82
N VAL A 157 0.46 -16.25 -14.31
CA VAL A 157 1.43 -17.35 -14.27
C VAL A 157 2.57 -16.96 -13.35
N LYS A 158 3.28 -17.99 -12.86
CA LYS A 158 4.35 -17.78 -11.88
C LYS A 158 5.50 -18.75 -12.15
N ILE A 159 6.72 -18.24 -11.99
CA ILE A 159 7.94 -19.02 -12.19
C ILE A 159 8.22 -19.86 -10.95
N THR A 160 8.66 -21.10 -11.15
CA THR A 160 9.01 -22.00 -10.06
C THR A 160 10.34 -22.70 -10.35
N ASP A 161 10.81 -23.51 -9.39
CA ASP A 161 11.98 -24.41 -9.55
C ASP A 161 13.32 -23.69 -9.73
N PHE A 162 13.37 -22.41 -9.39
CA PHE A 162 14.62 -21.67 -9.57
C PHE A 162 15.59 -21.99 -8.43
N GLY A 163 16.89 -21.98 -8.76
CA GLY A 163 17.92 -22.21 -7.78
C GLY A 163 18.07 -23.66 -7.36
N LEU A 164 17.33 -24.59 -7.97
CA LEU A 164 17.31 -25.99 -7.48
C LEU A 164 18.44 -26.82 -8.05
N ALA A 165 18.95 -26.46 -9.22
CA ALA A 165 20.02 -27.23 -9.88
C ALA A 165 21.29 -27.27 -9.01
N LYS A 166 21.46 -26.29 -8.12
CA LYS A 166 22.62 -26.26 -7.19
C LYS A 166 22.25 -26.98 -5.88
N VAL A 182 20.48 -32.92 -17.46
CA VAL A 182 20.51 -31.48 -17.71
C VAL A 182 19.66 -31.10 -18.92
N PRO A 183 18.94 -29.99 -18.82
CA PRO A 183 18.06 -29.54 -19.92
C PRO A 183 18.86 -28.86 -21.03
N ILE A 184 19.60 -29.68 -21.78
CA ILE A 184 20.53 -29.18 -22.77
C ILE A 184 19.82 -28.26 -23.77
N LYS A 185 18.63 -28.66 -24.21
CA LYS A 185 17.93 -27.90 -25.25
C LYS A 185 17.33 -26.59 -24.75
N TRP A 186 17.48 -26.28 -23.47
CA TRP A 186 17.10 -24.98 -22.93
C TRP A 186 18.31 -24.14 -22.51
N MET A 187 19.51 -24.68 -22.59
CA MET A 187 20.69 -24.04 -22.02
C MET A 187 21.42 -23.20 -23.06
N ALA A 188 22.01 -22.11 -22.59
CA ALA A 188 22.89 -21.30 -23.43
C ALA A 188 24.15 -22.09 -23.76
N LEU A 189 24.80 -21.70 -24.86
CA LEU A 189 25.99 -22.41 -25.31
C LEU A 189 27.08 -22.40 -24.23
N GLU A 190 27.29 -21.26 -23.58
CA GLU A 190 28.31 -21.20 -22.54
C GLU A 190 27.99 -22.10 -21.37
N SER A 191 26.70 -22.36 -21.11
CA SER A 191 26.34 -23.31 -20.06
C SER A 191 26.61 -24.75 -20.48
N ILE A 192 26.35 -25.08 -21.75
CA ILE A 192 26.62 -26.43 -22.22
C ILE A 192 28.13 -26.72 -22.20
N LEU A 193 28.93 -25.75 -22.64
CA LEU A 193 30.36 -26.00 -22.81
C LEU A 193 31.13 -25.83 -21.51
N HIS A 194 30.78 -24.83 -20.69
CA HIS A 194 31.58 -24.48 -19.53
C HIS A 194 30.78 -24.46 -18.24
N ARG A 195 29.51 -24.88 -18.29
CA ARG A 195 28.64 -24.93 -17.11
C ARG A 195 28.59 -23.59 -16.39
N ILE A 196 28.66 -22.52 -17.18
CA ILE A 196 28.54 -21.15 -16.69
C ILE A 196 27.06 -20.79 -16.67
N TYR A 197 26.56 -20.38 -15.52
CA TYR A 197 25.17 -19.96 -15.36
C TYR A 197 25.13 -18.54 -14.85
N THR A 198 24.49 -17.66 -15.61
CA THR A 198 24.31 -16.27 -15.24
C THR A 198 22.88 -15.87 -15.54
N HIS A 199 22.57 -14.60 -15.28
CA HIS A 199 21.28 -14.07 -15.69
C HIS A 199 21.15 -14.03 -17.20
N GLN A 200 22.27 -13.86 -17.92
CA GLN A 200 22.22 -13.83 -19.37
C GLN A 200 22.00 -15.22 -19.97
N SER A 201 22.47 -16.27 -19.30
CA SER A 201 22.10 -17.61 -19.72
C SER A 201 20.63 -17.90 -19.41
N ASP A 202 20.09 -17.27 -18.36
CA ASP A 202 18.65 -17.32 -18.12
C ASP A 202 17.87 -16.68 -19.26
N VAL A 203 18.42 -15.60 -19.84
CA VAL A 203 17.77 -14.95 -20.96
C VAL A 203 17.66 -15.89 -22.16
N TRP A 204 18.72 -16.67 -22.41
CA TRP A 204 18.65 -17.69 -23.44
C TRP A 204 17.50 -18.66 -23.19
N SER A 205 17.43 -19.21 -21.98
CA SER A 205 16.35 -20.13 -21.63
C SER A 205 14.99 -19.45 -21.71
N TYR A 206 14.92 -18.16 -21.38
CA TYR A 206 13.67 -17.43 -21.55
C TYR A 206 13.23 -17.44 -23.00
N GLY A 207 14.18 -17.28 -23.93
CA GLY A 207 13.84 -17.34 -25.35
C GLY A 207 13.27 -18.69 -25.75
N VAL A 208 13.86 -19.77 -25.25
CA VAL A 208 13.31 -21.10 -25.53
C VAL A 208 11.93 -21.25 -24.91
N THR A 209 11.75 -20.70 -23.70
CA THR A 209 10.45 -20.78 -23.03
C THR A 209 9.38 -20.09 -23.86
N VAL A 210 9.67 -18.89 -24.39
CA VAL A 210 8.74 -18.20 -25.26
C VAL A 210 8.46 -19.01 -26.52
N TRP A 211 9.50 -19.65 -27.07
CA TRP A 211 9.30 -20.50 -28.24
C TRP A 211 8.35 -21.65 -27.93
N GLU A 212 8.49 -22.27 -26.76
CA GLU A 212 7.55 -23.31 -26.35
C GLU A 212 6.13 -22.80 -26.35
N LEU A 213 5.92 -21.60 -25.80
CA LEU A 213 4.57 -21.04 -25.72
C LEU A 213 4.02 -20.75 -27.10
N MET A 214 4.83 -20.15 -27.97
CA MET A 214 4.35 -19.77 -29.29
C MET A 214 4.09 -20.98 -30.18
N THR A 215 4.76 -22.10 -29.92
CA THR A 215 4.47 -23.34 -30.63
C THR A 215 3.46 -24.22 -29.90
N PHE A 216 2.85 -23.71 -28.83
CA PHE A 216 1.88 -24.46 -28.04
C PHE A 216 2.48 -25.74 -27.48
N GLY A 217 3.74 -25.67 -27.05
CA GLY A 217 4.36 -26.75 -26.33
C GLY A 217 5.13 -27.75 -27.17
N SER A 218 5.58 -27.38 -28.36
CA SER A 218 6.41 -28.27 -29.14
C SER A 218 7.74 -28.52 -28.43
N LYS A 219 8.34 -29.66 -28.71
CA LYS A 219 9.64 -29.97 -28.13
C LYS A 219 10.73 -29.26 -28.92
N PRO A 220 11.58 -28.47 -28.28
CA PRO A 220 12.66 -27.78 -29.02
C PRO A 220 13.68 -28.78 -29.52
N TYR A 221 14.16 -28.57 -30.74
CA TYR A 221 15.12 -29.46 -31.38
C TYR A 221 14.62 -30.91 -31.37
N ASP A 222 13.36 -31.09 -31.77
CA ASP A 222 12.72 -32.39 -31.68
C ASP A 222 13.40 -33.40 -32.59
N GLY A 223 13.78 -34.55 -32.02
CA GLY A 223 14.46 -35.59 -32.77
C GLY A 223 15.97 -35.46 -32.83
N ILE A 224 16.53 -34.35 -32.37
CA ILE A 224 17.97 -34.12 -32.40
C ILE A 224 18.59 -34.59 -31.10
N PRO A 225 19.66 -35.39 -31.14
CA PRO A 225 20.29 -35.84 -29.90
C PRO A 225 20.84 -34.67 -29.12
N ALA A 226 20.75 -34.76 -27.78
CA ALA A 226 21.27 -33.70 -26.92
C ALA A 226 22.77 -33.52 -27.10
N SER A 227 23.48 -34.61 -27.38
CA SER A 227 24.94 -34.53 -27.58
C SER A 227 25.31 -33.64 -28.76
N GLU A 228 24.41 -33.46 -29.72
CA GLU A 228 24.71 -32.69 -30.91
C GLU A 228 24.25 -31.23 -30.83
N ILE A 229 23.64 -30.82 -29.73
CA ILE A 229 23.07 -29.47 -29.65
C ILE A 229 24.17 -28.43 -29.67
N SER A 230 25.26 -28.68 -28.92
CA SER A 230 26.38 -27.73 -28.92
C SER A 230 26.94 -27.51 -30.31
N SER A 231 26.89 -28.54 -31.16
CA SER A 231 27.44 -28.43 -32.51
C SER A 231 26.57 -27.54 -33.39
N ILE A 232 25.25 -27.77 -33.39
CA ILE A 232 24.38 -27.00 -34.28
C ILE A 232 24.34 -25.53 -33.86
N LEU A 233 24.49 -25.26 -32.56
CA LEU A 233 24.46 -23.87 -32.09
C LEU A 233 25.69 -23.11 -32.57
N GLU A 234 26.86 -23.75 -32.56
CA GLU A 234 28.07 -23.08 -33.02
C GLU A 234 28.00 -22.79 -34.52
N LYS A 235 27.25 -23.59 -35.28
CA LYS A 235 27.09 -23.30 -36.71
C LYS A 235 26.12 -22.19 -37.01
N GLY A 236 25.47 -21.61 -36.00
CA GLY A 236 24.49 -20.60 -36.25
C GLY A 236 23.07 -21.09 -36.39
N GLU A 237 22.81 -22.38 -36.18
CA GLU A 237 21.45 -22.89 -36.25
C GLU A 237 20.68 -22.57 -34.97
N ARG A 238 19.43 -22.15 -35.13
CA ARG A 238 18.56 -21.82 -34.02
C ARG A 238 17.18 -22.42 -34.26
N LEU A 239 16.34 -22.35 -33.24
CA LEU A 239 14.98 -22.84 -33.36
C LEU A 239 14.24 -22.05 -34.42
N PRO A 240 13.36 -22.69 -35.19
CA PRO A 240 12.71 -21.99 -36.31
C PRO A 240 11.59 -21.08 -35.84
N GLN A 241 11.23 -20.16 -36.74
CA GLN A 241 10.17 -19.19 -36.46
C GLN A 241 8.82 -19.90 -36.31
N PRO A 242 8.12 -19.73 -35.19
CA PRO A 242 6.79 -20.32 -35.04
C PRO A 242 5.83 -19.73 -36.04
N PRO A 243 4.94 -20.54 -36.62
CA PRO A 243 4.03 -20.02 -37.66
C PRO A 243 3.16 -18.86 -37.22
N ILE A 244 2.85 -18.74 -35.92
CA ILE A 244 2.00 -17.65 -35.47
C ILE A 244 2.77 -16.36 -35.18
N CYS A 245 4.09 -16.42 -35.11
CA CYS A 245 4.91 -15.28 -34.73
C CYS A 245 5.20 -14.41 -35.95
N THR A 246 5.02 -13.10 -35.80
CA THR A 246 5.60 -12.17 -36.75
C THR A 246 7.10 -12.10 -36.55
N ILE A 247 7.79 -11.46 -37.50
CA ILE A 247 9.24 -11.36 -37.41
C ILE A 247 9.65 -10.52 -36.22
N ASP A 248 8.79 -9.59 -35.79
CA ASP A 248 9.10 -8.76 -34.62
C ASP A 248 9.32 -9.61 -33.39
N VAL A 249 8.47 -10.63 -33.18
CA VAL A 249 8.62 -11.49 -32.01
C VAL A 249 9.79 -12.46 -32.19
N TYR A 250 9.93 -13.03 -33.40
CA TYR A 250 11.03 -13.97 -33.63
C TYR A 250 12.39 -13.29 -33.51
N MET A 251 12.48 -12.02 -33.90
CA MET A 251 13.74 -11.30 -33.79
C MET A 251 14.16 -11.16 -32.33
N ILE A 252 13.19 -10.92 -31.43
CA ILE A 252 13.51 -10.85 -30.01
C ILE A 252 14.04 -12.19 -29.51
N MET A 253 13.36 -13.28 -29.88
CA MET A 253 13.83 -14.61 -29.50
C MET A 253 15.24 -14.88 -30.02
N ARG A 254 15.52 -14.46 -31.26
CA ARG A 254 16.84 -14.69 -31.83
C ARG A 254 17.91 -13.91 -31.09
N LYS A 255 17.60 -12.69 -30.65
CA LYS A 255 18.56 -11.92 -29.86
C LYS A 255 18.88 -12.61 -28.54
N CYS A 256 17.92 -13.35 -27.98
CA CYS A 256 18.16 -14.10 -26.74
C CYS A 256 19.16 -15.23 -26.93
N TRP A 257 19.35 -15.70 -28.17
CA TRP A 257 20.19 -16.86 -28.45
C TRP A 257 21.50 -16.48 -29.13
N MET A 258 21.98 -15.26 -28.89
CA MET A 258 23.28 -14.85 -29.42
C MET A 258 24.40 -15.48 -28.60
N ILE A 259 25.50 -15.78 -29.29
CA ILE A 259 26.66 -16.38 -28.63
C ILE A 259 27.21 -15.44 -27.56
N ASP A 260 27.33 -14.16 -27.90
CA ASP A 260 27.83 -13.16 -26.96
C ASP A 260 26.75 -12.88 -25.92
N ALA A 261 26.96 -13.37 -24.69
CA ALA A 261 25.96 -13.24 -23.64
C ALA A 261 25.64 -11.78 -23.34
N ASP A 262 26.62 -10.89 -23.48
CA ASP A 262 26.41 -9.48 -23.18
C ASP A 262 25.64 -8.75 -24.27
N SER A 263 25.45 -9.38 -25.44
CA SER A 263 24.60 -8.80 -26.48
C SER A 263 23.15 -9.21 -26.35
N ARG A 264 22.85 -10.25 -25.56
CA ARG A 264 21.47 -10.66 -25.37
C ARG A 264 20.71 -9.56 -24.62
N PRO A 265 19.40 -9.45 -24.85
CA PRO A 265 18.62 -8.44 -24.12
C PRO A 265 18.62 -8.73 -22.63
N LYS A 266 18.34 -7.70 -21.85
CA LYS A 266 18.11 -7.85 -20.42
C LYS A 266 16.61 -8.01 -20.18
N PHE A 267 16.27 -8.68 -19.07
CA PHE A 267 14.87 -9.01 -18.81
C PHE A 267 13.97 -7.77 -18.75
N ARG A 268 14.48 -6.68 -18.17
CA ARG A 268 13.68 -5.44 -18.11
C ARG A 268 13.44 -4.87 -19.49
N GLU A 269 14.37 -5.06 -20.43
CA GLU A 269 14.10 -4.69 -21.82
C GLU A 269 13.03 -5.60 -22.41
N LEU A 270 13.07 -6.88 -22.05
CA LEU A 270 12.06 -7.82 -22.52
C LEU A 270 10.68 -7.46 -21.97
N ILE A 271 10.62 -6.99 -20.72
CA ILE A 271 9.35 -6.56 -20.14
C ILE A 271 8.75 -5.43 -20.97
N ILE A 272 9.56 -4.44 -21.30
CA ILE A 272 9.06 -3.27 -22.04
C ILE A 272 8.64 -3.66 -23.45
N GLU A 273 9.44 -4.50 -24.13
CA GLU A 273 9.14 -4.82 -25.52
C GLU A 273 7.88 -5.65 -25.65
N PHE A 274 7.72 -6.67 -24.79
CA PHE A 274 6.52 -7.50 -24.85
C PHE A 274 5.30 -6.76 -24.31
N SER A 275 5.49 -5.81 -23.40
CA SER A 275 4.35 -5.01 -22.95
C SER A 275 3.75 -4.20 -24.09
N LYS A 276 4.59 -3.51 -24.89
CA LYS A 276 4.05 -2.77 -26.02
C LYS A 276 3.38 -3.71 -27.03
N MET A 277 3.94 -4.90 -27.25
CA MET A 277 3.29 -5.86 -28.12
C MET A 277 1.95 -6.32 -27.55
N ALA A 278 1.84 -6.42 -26.21
CA ALA A 278 0.61 -6.87 -25.59
C ALA A 278 -0.52 -5.86 -25.72
N ARG A 279 -0.22 -4.57 -25.87
CA ARG A 279 -1.26 -3.58 -26.09
C ARG A 279 -1.71 -3.50 -27.55
N ASP A 280 -1.09 -4.27 -28.44
CA ASP A 280 -1.55 -4.39 -29.83
C ASP A 280 -1.29 -5.83 -30.27
N PRO A 281 -1.98 -6.80 -29.64
CA PRO A 281 -1.55 -8.20 -29.79
C PRO A 281 -1.73 -8.78 -31.18
N GLN A 282 -2.80 -8.42 -31.90
CA GLN A 282 -3.02 -9.02 -33.21
C GLN A 282 -2.07 -8.49 -34.27
N ARG A 283 -1.31 -7.43 -33.97
CA ARG A 283 -0.28 -6.95 -34.87
C ARG A 283 1.00 -7.78 -34.80
N TYR A 284 1.20 -8.51 -33.70
CA TYR A 284 2.46 -9.21 -33.47
C TYR A 284 2.35 -10.72 -33.44
N LEU A 285 1.15 -11.27 -33.27
CA LEU A 285 0.91 -12.70 -33.38
C LEU A 285 -0.22 -12.93 -34.37
N VAL A 286 -0.03 -13.87 -35.29
CA VAL A 286 -1.03 -14.19 -36.31
C VAL A 286 -1.62 -15.55 -35.93
N ILE A 287 -2.84 -15.53 -35.40
CA ILE A 287 -3.52 -16.73 -34.90
C ILE A 287 -4.85 -16.87 -35.61
N GLN A 288 -5.11 -18.04 -36.19
CA GLN A 288 -6.36 -18.28 -36.90
C GLN A 288 -7.52 -18.26 -35.92
N GLY A 289 -8.50 -17.40 -36.18
CA GLY A 289 -9.64 -17.25 -35.31
C GLY A 289 -9.38 -16.44 -34.06
N ASP A 290 -8.36 -15.59 -34.06
CA ASP A 290 -8.03 -14.81 -32.87
C ASP A 290 -9.19 -13.93 -32.45
N GLU A 291 -9.96 -13.42 -33.41
CA GLU A 291 -11.05 -12.48 -33.13
C GLU A 291 -12.25 -13.14 -32.47
N ARG A 292 -12.23 -14.46 -32.33
CA ARG A 292 -13.20 -15.26 -31.59
C ARG A 292 -12.77 -15.58 -30.17
N MET A 293 -11.50 -15.96 -30.00
CA MET A 293 -10.99 -16.45 -28.72
C MET A 293 -11.22 -15.46 -27.57
N HIS A 294 -11.72 -15.99 -26.47
CA HIS A 294 -12.06 -15.24 -25.26
C HIS A 294 -10.89 -14.39 -24.77
N LEU A 295 -11.09 -13.07 -24.79
CA LEU A 295 -10.20 -12.18 -24.05
C LEU A 295 -10.73 -12.03 -22.61
N PRO A 296 -9.89 -11.91 -21.59
CA PRO A 296 -10.43 -11.86 -20.23
C PRO A 296 -11.15 -10.54 -19.97
N SER A 297 -12.37 -10.65 -19.47
CA SER A 297 -13.16 -9.49 -19.10
C SER A 297 -12.83 -9.05 -17.67
N PRO A 298 -13.11 -7.79 -17.34
CA PRO A 298 -13.06 -7.39 -15.91
C PRO A 298 -13.93 -8.26 -15.03
N THR A 299 -15.08 -8.72 -15.54
CA THR A 299 -15.96 -9.58 -14.76
C THR A 299 -15.25 -10.88 -14.41
N ASP A 300 -14.63 -11.52 -15.41
CA ASP A 300 -13.91 -12.77 -15.15
C ASP A 300 -12.67 -12.53 -14.29
N SER A 301 -12.05 -11.36 -14.42
CA SER A 301 -10.85 -11.06 -13.64
C SER A 301 -11.17 -10.83 -12.18
N ASN A 302 -12.25 -10.10 -11.88
CA ASN A 302 -12.66 -9.91 -10.50
C ASN A 302 -13.04 -11.23 -9.85
N PHE A 303 -13.74 -12.09 -10.59
CA PHE A 303 -14.18 -13.37 -10.05
C PHE A 303 -13.00 -14.27 -9.73
N TYR A 304 -12.06 -14.39 -10.67
CA TYR A 304 -10.87 -15.21 -10.46
C TYR A 304 -10.08 -14.74 -9.25
N ARG A 305 -9.86 -13.42 -9.14
CA ARG A 305 -8.97 -12.91 -8.11
C ARG A 305 -9.61 -13.03 -6.73
N ALA A 306 -10.90 -12.70 -6.61
CA ALA A 306 -11.58 -12.85 -5.33
C ALA A 306 -11.65 -14.31 -4.88
N LEU A 307 -11.66 -15.24 -5.83
CA LEU A 307 -11.86 -16.65 -5.50
C LEU A 307 -10.56 -17.34 -5.10
N MET A 308 -9.49 -17.17 -5.90
CA MET A 308 -8.30 -17.97 -5.71
C MET A 308 -7.00 -17.21 -5.93
N ASP A 309 -7.04 -15.89 -6.16
CA ASP A 309 -5.84 -15.14 -6.49
C ASP A 309 -5.99 -13.73 -5.94
N GLU A 310 -5.88 -13.61 -4.61
CA GLU A 310 -6.09 -12.35 -3.91
C GLU A 310 -4.80 -11.55 -3.70
N GLU A 311 -3.66 -12.06 -4.14
CA GLU A 311 -2.40 -11.39 -3.86
C GLU A 311 -2.28 -10.12 -4.69
N ASP A 312 -1.45 -9.20 -4.20
CA ASP A 312 -1.23 -7.94 -4.89
C ASP A 312 -0.58 -8.18 -6.24
N MET A 313 -1.14 -7.57 -7.29
CA MET A 313 -0.62 -7.75 -8.62
C MET A 313 -0.77 -6.43 -9.37
N ASN B 6 27.01 16.98 11.02
CA ASN B 6 26.10 16.90 12.16
C ASN B 6 25.58 15.48 12.29
N GLN B 7 25.84 14.83 13.43
CA GLN B 7 25.38 13.46 13.62
C GLN B 7 23.86 13.36 13.70
N ALA B 8 23.19 14.44 14.10
CA ALA B 8 21.73 14.40 14.16
C ALA B 8 21.09 14.29 12.79
N LEU B 9 21.85 14.48 11.72
CA LEU B 9 21.33 14.38 10.36
C LEU B 9 21.14 12.93 9.91
N LEU B 10 21.83 11.98 10.55
CA LEU B 10 21.75 10.58 10.19
C LEU B 10 21.10 9.80 11.32
N ARG B 11 19.95 9.19 11.03
CA ARG B 11 19.24 8.37 12.02
C ARG B 11 19.66 6.91 11.92
N ILE B 12 20.04 6.33 13.05
CA ILE B 12 20.29 4.90 13.15
C ILE B 12 18.95 4.21 13.41
N LEU B 13 18.55 3.31 12.50
CA LEU B 13 17.26 2.64 12.57
C LEU B 13 17.42 1.20 13.04
N LYS B 14 16.36 0.70 13.69
CA LYS B 14 16.27 -0.70 14.03
C LYS B 14 15.56 -1.44 12.90
N GLU B 15 15.95 -2.69 12.67
CA GLU B 15 15.35 -3.42 11.56
C GLU B 15 13.87 -3.70 11.77
N THR B 16 13.41 -3.73 13.02
CA THR B 16 11.99 -3.88 13.27
C THR B 16 11.19 -2.64 12.91
N GLU B 17 11.88 -1.53 12.64
CA GLU B 17 11.23 -0.25 12.35
C GLU B 17 10.79 -0.12 10.89
N PHE B 18 11.25 -1.01 10.00
CA PHE B 18 10.95 -0.86 8.58
C PHE B 18 10.78 -2.23 7.93
N LYS B 19 10.12 -2.22 6.77
CA LYS B 19 9.78 -3.42 6.02
C LYS B 19 9.99 -3.19 4.53
N LYS B 20 10.59 -4.18 3.86
CA LYS B 20 10.68 -4.17 2.41
C LYS B 20 9.41 -4.77 1.84
N ILE B 21 8.80 -4.09 0.88
CA ILE B 21 7.55 -4.55 0.30
C ILE B 21 7.70 -4.87 -1.18
N LYS B 22 8.61 -4.17 -1.86
CA LYS B 22 8.73 -4.30 -3.31
C LYS B 22 10.13 -3.93 -3.76
N VAL B 23 10.67 -4.72 -4.68
CA VAL B 23 11.94 -4.39 -5.32
C VAL B 23 11.69 -3.32 -6.37
N LEU B 24 12.51 -2.27 -6.37
CA LEU B 24 12.47 -1.25 -7.41
C LEU B 24 13.54 -1.44 -8.45
N GLY B 25 14.67 -2.04 -8.08
CA GLY B 25 15.79 -2.16 -8.99
C GLY B 25 17.04 -2.53 -8.23
N SER B 26 18.09 -2.77 -9.00
CA SER B 26 19.39 -3.14 -8.47
C SER B 26 20.47 -2.46 -9.29
N GLY B 27 21.58 -2.20 -8.62
CA GLY B 27 22.74 -1.66 -9.33
C GLY B 27 23.83 -2.70 -9.26
N ALA B 28 25.03 -2.27 -8.92
CA ALA B 28 26.17 -3.19 -8.84
C ALA B 28 26.60 -3.13 -7.39
N PHE B 29 26.13 -2.09 -6.72
CA PHE B 29 26.45 -1.90 -5.29
C PHE B 29 25.45 -2.73 -4.49
N GLY B 30 24.18 -2.69 -4.89
CA GLY B 30 23.17 -3.49 -4.21
C GLY B 30 21.77 -3.36 -4.78
N THR B 31 20.78 -3.86 -4.05
CA THR B 31 19.39 -3.79 -4.46
C THR B 31 18.64 -2.69 -3.72
N VAL B 32 17.73 -2.02 -4.42
CA VAL B 32 16.90 -0.96 -3.87
C VAL B 32 15.46 -1.46 -3.77
N TYR B 33 14.87 -1.34 -2.58
CA TYR B 33 13.49 -1.75 -2.35
C TYR B 33 12.61 -0.53 -2.07
N LYS B 34 11.35 -0.64 -2.47
CA LYS B 34 10.32 0.21 -1.91
C LYS B 34 9.95 -0.35 -0.54
N GLY B 35 9.94 0.52 0.47
CA GLY B 35 9.77 0.07 1.83
C GLY B 35 8.77 0.93 2.59
N LEU B 36 8.48 0.48 3.80
CA LEU B 36 7.57 1.18 4.70
C LEU B 36 8.27 1.38 6.04
N TRP B 37 8.27 2.62 6.51
CA TRP B 37 8.80 2.92 7.83
C TRP B 37 7.66 2.89 8.84
N ILE B 38 7.84 2.09 9.89
CA ILE B 38 6.83 1.94 10.94
C ILE B 38 7.39 2.60 12.19
N PRO B 39 7.08 3.87 12.46
CA PRO B 39 7.59 4.50 13.68
C PRO B 39 7.04 3.79 14.90
N GLU B 40 7.91 3.59 15.87
CA GLU B 40 7.54 2.82 17.05
C GLU B 40 6.39 3.50 17.80
N GLY B 41 5.36 2.72 18.13
CA GLY B 41 4.22 3.22 18.87
C GLY B 41 3.13 3.83 18.03
N GLU B 42 3.29 3.88 16.71
CA GLU B 42 2.32 4.49 15.82
C GLU B 42 1.65 3.42 14.97
N LYS B 43 0.60 3.84 14.26
CA LYS B 43 -0.12 2.96 13.35
C LYS B 43 0.08 3.30 11.88
N VAL B 44 0.92 4.28 11.57
CA VAL B 44 1.11 4.74 10.20
C VAL B 44 2.27 3.99 9.58
N LYS B 45 2.21 3.82 8.26
CA LYS B 45 3.28 3.23 7.47
C LYS B 45 3.73 4.24 6.44
N ILE B 46 5.00 4.66 6.52
CA ILE B 46 5.51 5.76 5.71
C ILE B 46 6.37 5.17 4.60
N PRO B 47 6.05 5.40 3.33
CA PRO B 47 6.86 4.87 2.24
C PRO B 47 8.25 5.46 2.22
N VAL B 48 9.25 4.60 2.03
CA VAL B 48 10.65 5.00 1.93
C VAL B 48 11.30 4.18 0.83
N ALA B 49 12.50 4.60 0.44
CA ALA B 49 13.35 3.81 -0.42
C ALA B 49 14.40 3.14 0.46
N ILE B 50 14.63 1.85 0.24
CA ILE B 50 15.55 1.07 1.04
C ILE B 50 16.58 0.42 0.13
N LYS B 51 17.86 0.63 0.43
CA LYS B 51 18.96 0.01 -0.34
C LYS B 51 19.78 -0.92 0.55
N GLU B 52 19.80 -2.21 0.23
CA GLU B 52 20.61 -3.21 0.90
C GLU B 52 21.88 -3.48 0.10
N LEU B 53 23.03 -3.27 0.74
CA LEU B 53 24.30 -3.49 0.05
C LEU B 53 24.51 -4.98 -0.20
N ARG B 54 25.39 -5.30 -1.13
CA ARG B 54 25.64 -6.73 -1.45
C ARG B 54 26.63 -7.29 -0.44
N GLU B 55 26.43 -8.55 0.01
CA GLU B 55 27.30 -9.24 1.02
C GLU B 55 28.76 -8.80 0.86
N ALA B 56 29.45 -9.25 -0.19
CA ALA B 56 30.80 -8.78 -0.56
C ALA B 56 31.99 -9.01 0.39
N THR B 57 33.19 -9.13 -0.19
CA THR B 57 34.40 -9.12 0.67
C THR B 57 34.40 -7.72 1.25
N SER B 58 34.50 -7.55 2.57
CA SER B 58 34.32 -6.20 3.15
C SER B 58 35.63 -5.56 3.58
N PRO B 59 36.36 -4.74 2.77
CA PRO B 59 37.53 -4.09 3.39
C PRO B 59 37.07 -3.13 4.48
N LYS B 60 36.00 -2.38 4.20
CA LYS B 60 35.45 -1.32 5.07
C LYS B 60 35.47 -1.43 6.58
N ALA B 61 34.43 -1.99 7.10
CA ALA B 61 34.31 -2.08 8.57
C ALA B 61 33.46 -0.95 9.14
N ASN B 62 32.50 -1.27 10.01
CA ASN B 62 31.64 -0.27 10.65
C ASN B 62 32.13 1.17 10.73
N LYS B 63 33.40 1.38 11.10
CA LYS B 63 33.91 2.73 11.31
C LYS B 63 33.82 3.59 10.06
N GLU B 64 34.31 3.08 8.93
CA GLU B 64 34.26 3.86 7.69
C GLU B 64 32.84 3.96 7.13
N ILE B 65 32.05 2.89 7.26
CA ILE B 65 30.68 2.90 6.73
C ILE B 65 29.88 4.03 7.37
N LEU B 66 29.97 4.16 8.69
CA LEU B 66 29.17 5.17 9.38
C LEU B 66 29.70 6.58 9.12
N ASP B 67 31.03 6.73 9.05
CA ASP B 67 31.64 8.03 8.81
C ASP B 67 31.21 8.61 7.46
N GLU B 68 31.23 7.78 6.41
CA GLU B 68 30.80 8.29 5.11
C GLU B 68 29.30 8.56 5.09
N ALA B 69 28.52 7.73 5.78
CA ALA B 69 27.07 7.94 5.82
C ALA B 69 26.74 9.28 6.45
N TYR B 70 27.52 9.70 7.46
CA TYR B 70 27.32 11.02 8.04
C TYR B 70 27.54 12.12 7.00
N VAL B 71 28.53 11.92 6.12
CA VAL B 71 28.81 12.92 5.09
C VAL B 71 27.64 13.00 4.10
N MET B 72 27.12 11.85 3.67
CA MET B 72 25.99 11.84 2.74
C MET B 72 24.71 12.37 3.38
N ALA B 73 24.60 12.26 4.70
CA ALA B 73 23.42 12.78 5.39
C ALA B 73 23.51 14.28 5.63
N SER B 74 24.67 14.90 5.39
CA SER B 74 24.90 16.31 5.70
C SER B 74 24.68 17.23 4.51
N VAL B 75 24.39 16.69 3.33
CA VAL B 75 24.17 17.53 2.15
C VAL B 75 22.80 18.20 2.26
N ASP B 76 22.74 19.47 1.90
CA ASP B 76 21.52 20.27 2.04
C ASP B 76 21.39 21.13 0.78
N ASN B 77 20.73 20.58 -0.25
CA ASN B 77 20.55 21.29 -1.51
C ASN B 77 19.32 20.75 -2.21
N PRO B 78 18.50 21.60 -2.82
CA PRO B 78 17.23 21.11 -3.42
C PRO B 78 17.41 20.12 -4.55
N HIS B 79 18.61 19.99 -5.12
CA HIS B 79 18.83 19.10 -6.25
C HIS B 79 19.78 17.97 -5.92
N VAL B 80 19.98 17.69 -4.63
CA VAL B 80 20.83 16.60 -4.18
C VAL B 80 20.04 15.81 -3.14
N CYS B 81 19.89 14.52 -3.39
CA CYS B 81 19.26 13.66 -2.39
C CYS B 81 20.22 13.49 -1.23
N ARG B 82 19.68 13.45 -0.01
CA ARG B 82 20.49 13.25 1.17
C ARG B 82 20.13 11.93 1.82
N LEU B 83 21.14 11.23 2.33
CA LEU B 83 20.90 9.99 3.05
C LEU B 83 20.18 10.31 4.36
N LEU B 84 19.11 9.58 4.64
CA LEU B 84 18.28 9.84 5.81
C LEU B 84 18.63 8.95 6.99
N GLY B 85 18.84 7.66 6.75
CA GLY B 85 19.11 6.75 7.84
C GLY B 85 19.89 5.54 7.37
N ILE B 86 20.33 4.75 8.35
CA ILE B 86 21.16 3.58 8.08
C ILE B 86 20.87 2.53 9.13
N CYS B 87 20.88 1.26 8.73
CA CYS B 87 20.74 0.12 9.62
C CYS B 87 21.91 -0.81 9.40
N LEU B 88 22.70 -1.03 10.45
CA LEU B 88 23.94 -1.81 10.34
C LEU B 88 23.77 -3.15 11.05
N THR B 89 23.01 -4.04 10.42
CA THR B 89 22.95 -5.43 10.84
C THR B 89 24.09 -6.19 10.18
N SER B 90 23.91 -7.50 9.97
CA SER B 90 24.88 -8.26 9.20
C SER B 90 25.06 -7.64 7.80
N THR B 91 23.99 -7.10 7.23
CA THR B 91 24.05 -6.35 5.99
C THR B 91 23.81 -4.87 6.24
N VAL B 92 24.43 -4.03 5.41
CA VAL B 92 24.28 -2.59 5.53
C VAL B 92 23.05 -2.17 4.72
N GLN B 93 22.15 -1.43 5.37
CA GLN B 93 20.95 -0.93 4.70
C GLN B 93 20.84 0.57 4.88
N LEU B 94 20.46 1.26 3.81
CA LEU B 94 20.37 2.71 3.80
C LEU B 94 18.95 3.12 3.43
N ILE B 95 18.49 4.22 4.01
CA ILE B 95 17.12 4.70 3.85
C ILE B 95 17.18 6.13 3.32
N MET B 96 16.37 6.41 2.31
CA MET B 96 16.22 7.76 1.77
C MET B 96 14.77 7.97 1.38
N GLN B 97 14.46 9.18 0.92
CA GLN B 97 13.11 9.48 0.49
C GLN B 97 12.76 8.72 -0.78
N LEU B 98 11.53 8.23 -0.85
CA LEU B 98 11.05 7.54 -2.04
C LEU B 98 10.57 8.53 -3.08
N MET B 99 11.04 8.36 -4.32
CA MET B 99 10.63 9.20 -5.43
C MET B 99 9.66 8.39 -6.30
N PRO B 100 8.35 8.58 -6.16
CA PRO B 100 7.40 7.75 -6.92
C PRO B 100 7.53 7.88 -8.43
N PHE B 101 8.09 8.97 -8.95
CA PHE B 101 8.27 9.10 -10.39
C PHE B 101 9.45 8.30 -10.92
N GLY B 102 10.36 7.86 -10.05
CA GLY B 102 11.50 7.09 -10.51
C GLY B 102 12.64 7.97 -11.00
N CYS B 103 13.56 7.34 -11.72
CA CYS B 103 14.73 8.04 -12.23
C CYS B 103 14.44 8.74 -13.54
N LEU B 104 15.28 9.72 -13.86
CA LEU B 104 15.09 10.52 -15.06
C LEU B 104 15.33 9.71 -16.33
N LEU B 105 16.19 8.69 -16.27
CA LEU B 105 16.43 7.86 -17.44
C LEU B 105 15.15 7.15 -17.88
N ASP B 106 14.51 6.42 -16.96
CA ASP B 106 13.25 5.77 -17.29
C ASP B 106 12.18 6.79 -17.67
N TYR B 107 12.20 7.97 -17.05
CA TYR B 107 11.19 8.99 -17.33
C TYR B 107 11.27 9.49 -18.77
N VAL B 108 12.47 9.81 -19.25
CA VAL B 108 12.58 10.36 -20.60
C VAL B 108 12.28 9.28 -21.63
N ARG B 109 12.58 8.01 -21.31
CA ARG B 109 12.22 6.92 -22.22
C ARG B 109 10.71 6.78 -22.32
N GLU B 110 10.00 6.89 -21.19
CA GLU B 110 8.55 6.74 -21.21
C GLU B 110 7.82 7.89 -21.87
N HIS B 111 8.44 9.05 -21.88
CA HIS B 111 7.84 10.27 -22.49
C HIS B 111 8.66 10.60 -23.74
N LYS B 112 8.95 9.49 -24.46
CA LYS B 112 9.72 9.47 -25.72
C LYS B 112 9.78 10.79 -26.44
N ASP B 113 8.71 11.19 -27.12
CA ASP B 113 8.97 12.50 -27.76
C ASP B 113 8.14 13.54 -27.03
N ASN B 114 7.22 13.09 -26.17
CA ASN B 114 6.29 13.98 -25.46
C ASN B 114 6.97 14.83 -24.39
N ILE B 115 8.29 15.06 -24.46
CA ILE B 115 8.89 15.99 -23.51
C ILE B 115 9.24 17.28 -24.24
N GLY B 116 8.83 18.41 -23.67
CA GLY B 116 9.15 19.68 -24.29
C GLY B 116 10.54 20.17 -23.94
N SER B 117 11.00 21.15 -24.71
CA SER B 117 12.34 21.69 -24.55
C SER B 117 12.49 22.41 -23.22
N GLN B 118 11.40 22.95 -22.67
CA GLN B 118 11.50 23.68 -21.40
C GLN B 118 11.91 22.74 -20.27
N TYR B 119 11.35 21.54 -20.24
CA TYR B 119 11.72 20.56 -19.23
C TYR B 119 13.16 20.09 -19.39
N LEU B 120 13.54 19.71 -20.61
CA LEU B 120 14.88 19.17 -20.86
C LEU B 120 15.96 20.15 -20.43
N LEU B 121 15.82 21.42 -20.81
CA LEU B 121 16.83 22.40 -20.45
C LEU B 121 16.81 22.73 -18.97
N ASN B 122 15.63 22.72 -18.36
CA ASN B 122 15.53 22.97 -16.92
C ASN B 122 16.15 21.83 -16.12
N TRP B 123 15.97 20.58 -16.59
CA TRP B 123 16.64 19.46 -15.95
C TRP B 123 18.16 19.61 -15.99
N CYS B 124 18.69 20.09 -17.13
CA CYS B 124 20.13 20.31 -17.23
C CYS B 124 20.60 21.36 -16.24
N VAL B 125 19.79 22.41 -16.04
CA VAL B 125 20.12 23.43 -15.04
C VAL B 125 20.15 22.82 -13.65
N GLN B 126 19.12 22.03 -13.32
CA GLN B 126 19.01 21.47 -11.98
C GLN B 126 20.14 20.47 -11.69
N ILE B 127 20.48 19.63 -12.68
CA ILE B 127 21.57 18.69 -12.48
C ILE B 127 22.88 19.44 -12.25
N ALA B 128 23.09 20.54 -12.99
CA ALA B 128 24.30 21.33 -12.82
C ALA B 128 24.34 22.01 -11.44
N LYS B 129 23.18 22.46 -10.96
CA LYS B 129 23.11 23.05 -9.63
C LYS B 129 23.50 22.04 -8.55
N GLY B 130 22.97 20.83 -8.64
CA GLY B 130 23.31 19.80 -7.67
C GLY B 130 24.79 19.41 -7.71
N MET B 131 25.36 19.32 -8.91
CA MET B 131 26.78 18.98 -9.02
C MET B 131 27.67 20.11 -8.54
N ASN B 132 27.28 21.35 -8.81
CA ASN B 132 28.02 22.49 -8.30
C ASN B 132 28.03 22.50 -6.78
N TYR B 133 26.91 22.15 -6.15
CA TYR B 133 26.86 22.07 -4.69
C TYR B 133 27.83 21.00 -4.18
N LEU B 134 27.84 19.83 -4.82
CA LEU B 134 28.75 18.76 -4.41
C LEU B 134 30.20 19.20 -4.53
N GLU B 135 30.55 19.91 -5.61
CA GLU B 135 31.91 20.40 -5.77
C GLU B 135 32.28 21.39 -4.68
N ASP B 136 31.38 22.31 -4.35
CA ASP B 136 31.63 23.24 -3.25
C ASP B 136 31.82 22.51 -1.93
N ARG B 137 31.15 21.38 -1.76
CA ARG B 137 31.36 20.53 -0.59
C ARG B 137 32.57 19.61 -0.75
N ARG B 138 33.33 19.74 -1.85
CA ARG B 138 34.51 18.93 -2.11
C ARG B 138 34.18 17.44 -2.10
N LEU B 139 33.02 17.10 -2.66
CA LEU B 139 32.59 15.71 -2.82
C LEU B 139 32.54 15.38 -4.30
N VAL B 140 33.21 14.29 -4.68
CA VAL B 140 33.20 13.79 -6.05
C VAL B 140 32.14 12.71 -6.17
N HIS B 141 31.30 12.80 -7.20
CA HIS B 141 30.21 11.84 -7.36
C HIS B 141 30.72 10.48 -7.77
N ARG B 142 31.43 10.42 -8.90
CA ARG B 142 32.06 9.26 -9.53
C ARG B 142 31.08 8.36 -10.27
N ASP B 143 29.76 8.62 -10.21
CA ASP B 143 28.82 7.79 -10.96
C ASP B 143 27.63 8.61 -11.40
N LEU B 144 27.86 9.82 -11.89
CA LEU B 144 26.78 10.64 -12.41
C LEU B 144 26.27 10.05 -13.73
N ALA B 145 24.97 9.82 -13.81
CA ALA B 145 24.32 9.29 -15.00
C ALA B 145 22.83 9.54 -14.87
N ALA B 146 22.12 9.40 -16.00
CA ALA B 146 20.69 9.65 -16.00
C ALA B 146 19.94 8.70 -15.08
N ARG B 147 20.48 7.49 -14.86
CA ARG B 147 19.86 6.57 -13.90
C ARG B 147 20.00 7.06 -12.47
N ASN B 148 21.01 7.89 -12.18
CA ASN B 148 21.23 8.42 -10.84
C ASN B 148 20.73 9.85 -10.69
N VAL B 149 19.76 10.25 -11.51
CA VAL B 149 19.02 11.48 -11.33
C VAL B 149 17.56 11.10 -11.12
N LEU B 150 17.02 11.42 -9.94
CA LEU B 150 15.67 11.03 -9.57
C LEU B 150 14.68 12.18 -9.81
N VAL B 151 13.47 11.81 -10.20
CA VAL B 151 12.40 12.76 -10.47
C VAL B 151 11.54 12.88 -9.22
N LYS B 152 11.67 14.01 -8.52
CA LYS B 152 10.76 14.30 -7.41
C LYS B 152 9.39 14.67 -7.94
N THR B 153 9.33 15.68 -8.79
CA THR B 153 8.21 15.98 -9.67
C THR B 153 8.79 16.21 -11.06
N PRO B 154 7.96 16.23 -12.12
CA PRO B 154 8.48 16.55 -13.45
C PRO B 154 9.25 17.86 -13.51
N GLN B 155 8.97 18.77 -12.58
CA GLN B 155 9.62 20.08 -12.54
C GLN B 155 10.82 20.09 -11.60
N HIS B 156 11.16 18.98 -10.95
CA HIS B 156 12.14 19.00 -9.87
C HIS B 156 12.85 17.66 -9.85
N VAL B 157 14.12 17.65 -10.25
CA VAL B 157 14.94 16.44 -10.24
C VAL B 157 16.07 16.62 -9.23
N LYS B 158 16.62 15.49 -8.79
CA LYS B 158 17.64 15.48 -7.74
C LYS B 158 18.67 14.41 -8.03
N ILE B 159 19.94 14.73 -7.74
CA ILE B 159 21.05 13.80 -7.92
C ILE B 159 21.13 12.85 -6.74
N THR B 160 21.41 11.58 -7.01
CA THR B 160 21.53 10.55 -5.99
C THR B 160 22.80 9.73 -6.25
N ASP B 161 23.08 8.80 -5.32
CA ASP B 161 24.13 7.78 -5.44
C ASP B 161 25.55 8.33 -5.43
N PHE B 162 25.77 9.56 -4.97
CA PHE B 162 27.12 10.11 -4.97
C PHE B 162 27.94 9.58 -3.80
N GLY B 163 29.25 9.40 -4.03
CA GLY B 163 30.12 8.98 -2.96
C GLY B 163 30.10 7.51 -2.62
N LEU B 164 29.55 6.66 -3.47
CA LEU B 164 29.37 5.26 -3.16
C LEU B 164 30.60 4.40 -3.45
N ALA B 165 31.71 4.99 -3.90
CA ALA B 165 32.93 4.23 -4.16
C ALA B 165 34.00 4.51 -3.11
N VAL B 182 32.15 -1.39 -13.74
CA VAL B 182 32.33 0.06 -13.79
C VAL B 182 31.67 0.65 -15.03
N PRO B 183 31.03 1.82 -14.88
CA PRO B 183 30.33 2.47 -16.01
C PRO B 183 31.30 3.19 -16.94
N ILE B 184 32.06 2.40 -17.70
CA ILE B 184 33.12 2.93 -18.56
C ILE B 184 32.57 4.00 -19.50
N LYS B 185 31.38 3.77 -20.05
CA LYS B 185 30.83 4.67 -21.06
C LYS B 185 30.36 6.00 -20.48
N TRP B 186 30.44 6.19 -19.17
CA TRP B 186 30.17 7.48 -18.54
C TRP B 186 31.43 8.11 -17.96
N MET B 187 32.57 7.43 -18.00
CA MET B 187 33.76 7.87 -17.30
C MET B 187 34.68 8.70 -18.19
N ALA B 188 35.37 9.65 -17.57
CA ALA B 188 36.41 10.39 -18.25
C ALA B 188 37.58 9.48 -18.60
N LEU B 189 38.35 9.89 -19.62
CA LEU B 189 39.47 9.07 -20.08
C LEU B 189 40.48 8.84 -18.96
N GLU B 190 40.80 9.89 -18.20
CA GLU B 190 41.76 9.73 -17.11
C GLU B 190 41.24 8.79 -16.03
N SER B 191 39.92 8.68 -15.88
CA SER B 191 39.35 7.71 -14.95
C SER B 191 39.48 6.30 -15.49
N ILE B 192 39.28 6.12 -16.81
CA ILE B 192 39.43 4.81 -17.42
C ILE B 192 40.87 4.34 -17.34
N LEU B 193 41.82 5.23 -17.60
CA LEU B 193 43.22 4.82 -17.73
C LEU B 193 43.92 4.75 -16.37
N HIS B 194 43.65 5.69 -15.48
CA HIS B 194 44.42 5.82 -14.24
C HIS B 194 43.56 5.82 -12.99
N ARG B 195 42.25 5.58 -13.11
CA ARG B 195 41.33 5.60 -11.98
C ARG B 195 41.39 6.92 -11.22
N ILE B 196 41.62 8.02 -11.96
CA ILE B 196 41.61 9.36 -11.38
C ILE B 196 40.20 9.91 -11.45
N TYR B 197 39.66 10.31 -10.30
CA TYR B 197 38.32 10.89 -10.21
C TYR B 197 38.43 12.27 -9.59
N THR B 198 37.94 13.28 -10.30
CA THR B 198 37.89 14.65 -9.83
C THR B 198 36.53 15.23 -10.17
N HIS B 199 36.32 16.50 -9.80
CA HIS B 199 35.11 17.19 -10.22
C HIS B 199 35.08 17.38 -11.73
N GLN B 200 36.24 17.52 -12.37
CA GLN B 200 36.28 17.69 -13.82
C GLN B 200 35.96 16.38 -14.54
N SER B 201 36.28 15.23 -13.92
CA SER B 201 35.81 13.97 -14.48
C SER B 201 34.31 13.81 -14.25
N ASP B 202 33.77 14.41 -13.19
CA ASP B 202 32.32 14.47 -13.03
C ASP B 202 31.68 15.32 -14.12
N VAL B 203 32.37 16.36 -14.58
CA VAL B 203 31.87 17.18 -15.68
C VAL B 203 31.75 16.34 -16.95
N TRP B 204 32.73 15.46 -17.19
CA TRP B 204 32.64 14.53 -18.32
C TRP B 204 31.36 13.71 -18.24
N SER B 205 31.11 13.09 -17.08
CA SER B 205 29.89 12.31 -16.90
C SER B 205 28.64 13.18 -17.05
N TYR B 206 28.72 14.45 -16.63
CA TYR B 206 27.59 15.35 -16.84
C TYR B 206 27.25 15.48 -18.31
N GLY B 207 28.27 15.60 -19.16
CA GLY B 207 28.02 15.69 -20.59
C GLY B 207 27.35 14.44 -21.14
N VAL B 208 27.79 13.27 -20.69
CA VAL B 208 27.14 12.03 -21.11
C VAL B 208 25.71 11.99 -20.62
N THR B 209 25.49 12.44 -19.38
CA THR B 209 24.13 12.47 -18.82
C THR B 209 23.21 13.36 -19.65
N VAL B 210 23.70 14.55 -20.01
CA VAL B 210 22.90 15.44 -20.86
C VAL B 210 22.63 14.78 -22.20
N TRP B 211 23.62 14.07 -22.75
CA TRP B 211 23.41 13.35 -24.00
C TRP B 211 22.31 12.31 -23.86
N GLU B 212 22.29 11.58 -22.73
CA GLU B 212 21.21 10.64 -22.47
C GLU B 212 19.85 11.33 -22.52
N LEU B 213 19.74 12.50 -21.89
CA LEU B 213 18.47 13.22 -21.84
C LEU B 213 18.04 13.68 -23.23
N MET B 214 18.97 14.27 -23.98
CA MET B 214 18.64 14.82 -25.29
C MET B 214 18.28 13.74 -26.31
N THR B 215 18.76 12.53 -26.14
CA THR B 215 18.37 11.40 -26.99
C THR B 215 17.20 10.61 -26.39
N PHE B 216 16.60 11.11 -25.31
CA PHE B 216 15.47 10.45 -24.65
C PHE B 216 15.84 9.06 -24.15
N GLY B 217 17.06 8.93 -23.62
CA GLY B 217 17.46 7.70 -22.95
C GLY B 217 18.17 6.69 -23.81
N SER B 218 18.79 7.11 -24.91
CA SER B 218 19.57 6.17 -25.70
C SER B 218 20.78 5.68 -24.90
N LYS B 219 21.25 4.50 -25.24
CA LYS B 219 22.45 3.97 -24.60
C LYS B 219 23.69 4.57 -25.25
N PRO B 220 24.59 5.17 -24.48
CA PRO B 220 25.78 5.77 -25.09
C PRO B 220 26.71 4.68 -25.62
N TYR B 221 27.27 4.93 -26.80
CA TYR B 221 28.14 3.99 -27.49
C TYR B 221 27.47 2.61 -27.62
N ASP B 222 26.22 2.63 -28.08
CA ASP B 222 25.43 1.40 -28.14
C ASP B 222 26.04 0.42 -29.15
N GLY B 223 26.25 -0.82 -28.70
CA GLY B 223 26.85 -1.84 -29.53
C GLY B 223 28.36 -1.89 -29.48
N ILE B 224 29.00 -0.91 -28.86
CA ILE B 224 30.45 -0.85 -28.76
C ILE B 224 30.90 -1.51 -27.46
N PRO B 225 31.86 -2.43 -27.49
CA PRO B 225 32.33 -3.05 -26.25
C PRO B 225 32.99 -2.02 -25.35
N ALA B 226 32.80 -2.21 -24.04
CA ALA B 226 33.43 -1.31 -23.07
C ALA B 226 34.95 -1.34 -23.19
N SER B 227 35.51 -2.50 -23.57
CA SER B 227 36.95 -2.64 -23.74
C SER B 227 37.49 -1.71 -24.83
N GLU B 228 36.65 -1.27 -25.77
CA GLU B 228 37.09 -0.45 -26.88
C GLU B 228 36.90 1.04 -26.65
N ILE B 229 36.30 1.43 -25.52
CA ILE B 229 35.95 2.84 -25.31
C ILE B 229 37.20 3.69 -25.15
N SER B 230 38.17 3.23 -24.35
CA SER B 230 39.39 4.00 -24.16
C SER B 230 40.12 4.24 -25.47
N SER B 231 40.02 3.28 -26.41
CA SER B 231 40.66 3.44 -27.71
C SER B 231 39.94 4.49 -28.55
N ILE B 232 38.61 4.43 -28.58
CA ILE B 232 37.82 5.34 -29.41
C ILE B 232 37.96 6.79 -28.93
N LEU B 233 38.09 6.99 -27.62
CA LEU B 233 38.23 8.36 -27.10
C LEU B 233 39.55 8.98 -27.50
N GLU B 234 40.64 8.21 -27.45
CA GLU B 234 41.94 8.74 -27.84
C GLU B 234 42.00 9.09 -29.32
N LYS B 235 41.16 8.48 -30.15
CA LYS B 235 41.13 8.83 -31.56
C LYS B 235 40.41 10.16 -31.80
N GLY B 236 39.85 10.75 -30.74
CA GLY B 236 39.11 11.99 -30.81
C GLY B 236 37.63 11.88 -31.11
N GLU B 237 37.10 10.66 -31.23
CA GLU B 237 35.69 10.46 -31.50
C GLU B 237 34.86 10.55 -30.23
N ARG B 238 33.67 11.14 -30.35
CA ARG B 238 32.76 11.35 -29.22
C ARG B 238 31.35 10.95 -29.63
N LEU B 239 30.45 10.99 -28.64
CA LEU B 239 29.06 10.70 -28.88
C LEU B 239 28.49 11.68 -29.90
N PRO B 240 27.56 11.23 -30.74
CA PRO B 240 27.08 12.08 -31.83
C PRO B 240 26.09 13.13 -31.34
N GLN B 241 25.89 14.13 -32.19
CA GLN B 241 24.96 15.20 -31.90
C GLN B 241 23.54 14.64 -31.85
N PRO B 242 22.82 14.82 -30.74
CA PRO B 242 21.44 14.33 -30.67
C PRO B 242 20.57 15.07 -31.68
N PRO B 243 19.64 14.37 -32.32
CA PRO B 243 18.84 15.00 -33.39
C PRO B 243 18.09 16.26 -32.98
N ILE B 244 17.73 16.42 -31.70
CA ILE B 244 17.00 17.62 -31.29
C ILE B 244 17.92 18.78 -30.91
N CYS B 245 19.21 18.54 -30.76
CA CYS B 245 20.12 19.55 -30.23
C CYS B 245 20.62 20.47 -31.34
N THR B 246 20.56 21.77 -31.08
CA THR B 246 21.32 22.72 -31.87
C THR B 246 22.80 22.58 -31.50
N ILE B 247 23.67 23.20 -32.31
CA ILE B 247 25.10 23.11 -32.03
C ILE B 247 25.42 23.80 -30.72
N ASP B 248 24.57 24.73 -30.28
CA ASP B 248 24.80 25.43 -29.01
C ASP B 248 24.91 24.44 -27.86
N VAL B 249 24.03 23.44 -27.82
CA VAL B 249 24.04 22.46 -26.75
C VAL B 249 25.14 21.42 -26.97
N TYR B 250 25.30 20.96 -28.21
CA TYR B 250 26.28 19.91 -28.50
C TYR B 250 27.71 20.38 -28.22
N MET B 251 28.01 21.66 -28.49
CA MET B 251 29.34 22.16 -28.21
C MET B 251 29.66 22.10 -26.72
N ILE B 252 28.67 22.37 -25.87
CA ILE B 252 28.86 22.26 -24.43
C ILE B 252 29.20 20.83 -24.05
N MET B 253 28.44 19.87 -24.60
CA MET B 253 28.73 18.46 -24.36
C MET B 253 30.13 18.08 -24.82
N ARG B 254 30.56 18.58 -25.98
CA ARG B 254 31.88 18.23 -26.50
C ARG B 254 32.97 18.80 -25.62
N LYS B 255 32.79 20.02 -25.10
CA LYS B 255 33.77 20.59 -24.17
C LYS B 255 33.85 19.78 -22.88
N CYS B 256 32.75 19.15 -22.47
CA CYS B 256 32.78 18.30 -21.30
C CYS B 256 33.65 17.06 -21.51
N TRP B 257 33.87 16.67 -22.77
CA TRP B 257 34.61 15.45 -23.10
C TRP B 257 35.99 15.75 -23.65
N MET B 258 36.56 16.89 -23.27
CA MET B 258 37.91 17.24 -23.69
C MET B 258 38.94 16.41 -22.90
N ILE B 259 40.03 16.06 -23.58
CA ILE B 259 41.08 15.27 -22.92
C ILE B 259 41.67 16.04 -21.75
N ASP B 260 41.96 17.32 -21.95
CA ASP B 260 42.48 18.16 -20.88
C ASP B 260 41.34 18.50 -19.91
N ALA B 261 41.39 17.91 -18.73
CA ALA B 261 40.29 18.08 -17.77
C ALA B 261 40.10 19.54 -17.38
N ASP B 262 41.18 20.32 -17.35
CA ASP B 262 41.08 21.73 -16.97
C ASP B 262 40.52 22.59 -18.09
N SER B 263 40.36 22.05 -19.30
CA SER B 263 39.68 22.76 -20.38
C SER B 263 38.18 22.55 -20.36
N ARG B 264 37.70 21.54 -19.64
CA ARG B 264 36.28 21.28 -19.53
C ARG B 264 35.58 22.41 -18.76
N PRO B 265 34.30 22.65 -19.03
CA PRO B 265 33.58 23.70 -18.31
C PRO B 265 33.49 23.40 -16.82
N LYS B 266 33.23 24.45 -16.05
CA LYS B 266 32.92 24.32 -14.63
C LYS B 266 31.41 24.21 -14.46
N PHE B 267 31.00 23.54 -13.39
CA PHE B 267 29.56 23.34 -13.16
C PHE B 267 28.84 24.66 -13.00
N ARG B 268 29.44 25.64 -12.34
CA ARG B 268 28.78 26.93 -12.18
C ARG B 268 28.62 27.65 -13.52
N GLU B 269 29.57 27.45 -14.45
CA GLU B 269 29.40 27.98 -15.79
C GLU B 269 28.29 27.25 -16.53
N LEU B 270 28.16 25.94 -16.31
CA LEU B 270 27.09 25.17 -16.93
C LEU B 270 25.73 25.65 -16.46
N ILE B 271 25.64 26.04 -15.19
CA ILE B 271 24.38 26.62 -14.67
C ILE B 271 23.99 27.83 -15.49
N ILE B 272 24.95 28.73 -15.72
CA ILE B 272 24.66 29.98 -16.43
C ILE B 272 24.27 29.69 -17.88
N GLU B 273 24.99 28.77 -18.54
CA GLU B 273 24.75 28.52 -19.95
C GLU B 273 23.38 27.89 -20.18
N PHE B 274 23.03 26.86 -19.40
CA PHE B 274 21.74 26.22 -19.59
C PHE B 274 20.60 27.10 -19.06
N SER B 275 20.86 27.94 -18.06
CA SER B 275 19.86 28.91 -17.63
C SER B 275 19.53 29.88 -18.75
N LYS B 276 20.56 30.36 -19.45
CA LYS B 276 20.34 31.24 -20.59
C LYS B 276 19.51 30.56 -21.67
N MET B 277 19.82 29.30 -21.97
CA MET B 277 19.08 28.57 -22.98
C MET B 277 17.65 28.30 -22.56
N ALA B 278 17.43 28.10 -21.26
CA ALA B 278 16.08 27.82 -20.76
C ALA B 278 15.16 29.03 -20.89
N ARG B 279 15.72 30.24 -21.02
CA ARG B 279 14.91 31.43 -21.22
C ARG B 279 14.40 31.55 -22.65
N ASP B 280 14.91 30.71 -23.56
CA ASP B 280 14.42 30.65 -24.93
C ASP B 280 14.58 29.22 -25.43
N PRO B 281 13.82 28.28 -24.86
CA PRO B 281 14.14 26.85 -25.08
C PRO B 281 14.00 26.41 -26.52
N GLN B 282 13.03 26.94 -27.27
CA GLN B 282 12.83 26.50 -28.65
C GLN B 282 13.91 27.01 -29.60
N ARG B 283 14.76 27.95 -29.16
CA ARG B 283 15.87 28.39 -29.97
C ARG B 283 17.05 27.42 -29.90
N TYR B 284 17.12 26.59 -28.86
CA TYR B 284 18.27 25.73 -28.64
C TYR B 284 17.97 24.24 -28.76
N LEU B 285 16.70 23.85 -28.67
CA LEU B 285 16.28 22.48 -28.96
C LEU B 285 15.15 22.53 -29.97
N VAL B 286 15.27 21.72 -31.03
CA VAL B 286 14.27 21.65 -32.09
C VAL B 286 13.57 20.31 -31.93
N ILE B 287 12.32 20.34 -31.44
CA ILE B 287 11.56 19.14 -31.10
C ILE B 287 10.25 19.16 -31.87
N GLN B 288 9.95 18.06 -32.57
CA GLN B 288 8.72 18.01 -33.36
C GLN B 288 7.50 18.10 -32.46
N GLY B 289 6.63 19.05 -32.74
CA GLY B 289 5.44 19.25 -31.92
C GLY B 289 5.71 19.91 -30.59
N ASP B 290 6.79 20.69 -30.48
CA ASP B 290 7.15 21.30 -29.21
C ASP B 290 6.04 22.20 -28.71
N GLU B 291 5.33 22.80 -29.65
CA GLU B 291 4.22 23.73 -29.34
C GLU B 291 3.12 23.03 -28.55
N ARG B 292 2.98 21.72 -28.71
CA ARG B 292 1.90 21.00 -28.01
C ARG B 292 2.35 20.51 -26.66
N MET B 293 3.66 20.37 -26.46
CA MET B 293 4.20 19.79 -25.24
C MET B 293 3.75 20.60 -24.04
N HIS B 294 3.21 19.91 -23.06
CA HIS B 294 2.72 20.54 -21.84
C HIS B 294 3.83 21.34 -21.16
N LEU B 295 3.64 22.67 -21.08
CA LEU B 295 4.46 23.53 -20.23
C LEU B 295 3.87 23.56 -18.82
N PRO B 296 4.69 23.63 -17.77
CA PRO B 296 4.12 23.59 -16.41
C PRO B 296 3.41 24.90 -16.11
N SER B 297 2.18 24.80 -15.61
CA SER B 297 1.43 25.97 -15.20
C SER B 297 1.79 26.36 -13.78
N PRO B 298 1.58 27.63 -13.42
CA PRO B 298 1.61 27.98 -11.99
C PRO B 298 0.60 27.17 -11.21
N THR B 299 -0.55 26.89 -11.83
CA THR B 299 -1.58 26.07 -11.20
C THR B 299 -1.09 24.65 -10.98
N ASP B 300 -0.49 24.05 -12.01
CA ASP B 300 0.02 22.68 -11.87
C ASP B 300 1.19 22.62 -10.91
N SER B 301 2.01 23.67 -10.87
CA SER B 301 3.19 23.67 -10.00
C SER B 301 2.79 23.80 -8.53
N ASN B 302 1.83 24.67 -8.23
CA ASN B 302 1.34 24.78 -6.86
C ASN B 302 0.71 23.48 -6.38
N PHE B 303 -0.04 22.82 -7.26
CA PHE B 303 -0.68 21.56 -6.90
C PHE B 303 0.36 20.48 -6.61
N TYR B 304 1.37 20.36 -7.48
CA TYR B 304 2.43 19.40 -7.27
C TYR B 304 3.16 19.63 -5.95
N ARG B 305 3.47 20.89 -5.63
CA ARG B 305 4.30 21.16 -4.46
C ARG B 305 3.53 20.92 -3.16
N ALA B 306 2.27 21.38 -3.10
CA ALA B 306 1.47 21.15 -1.90
C ALA B 306 1.26 19.66 -1.67
N LEU B 307 1.26 18.87 -2.73
CA LEU B 307 0.95 17.45 -2.63
C LEU B 307 2.18 16.61 -2.28
N MET B 308 3.31 16.84 -2.96
CA MET B 308 4.46 15.96 -2.79
C MET B 308 5.83 16.64 -2.80
N ASP B 309 5.90 17.98 -2.82
CA ASP B 309 7.22 18.64 -2.94
C ASP B 309 7.16 19.99 -2.21
N GLU B 310 7.25 19.94 -0.89
CA GLU B 310 7.13 21.14 -0.05
C GLU B 310 8.46 21.80 0.27
N GLU B 311 9.58 21.26 -0.21
CA GLU B 311 10.88 21.80 0.18
C GLU B 311 11.17 23.14 -0.53
N ASP B 312 12.03 23.93 0.11
CA ASP B 312 12.43 25.23 -0.43
C ASP B 312 13.30 25.07 -1.68
N MET B 313 12.90 25.71 -2.76
CA MET B 313 13.62 25.53 -4.04
C MET B 313 13.56 26.87 -4.74
N ASN C 6 -20.36 -1.36 -9.90
CA ASN C 6 -19.76 -1.84 -11.13
C ASN C 6 -20.36 -3.19 -11.49
N GLN C 7 -20.87 -3.30 -12.72
CA GLN C 7 -21.50 -4.54 -13.17
C GLN C 7 -20.52 -5.70 -13.17
N ALA C 8 -19.23 -5.40 -13.37
CA ALA C 8 -18.20 -6.44 -13.42
C ALA C 8 -17.95 -7.09 -12.05
N LEU C 9 -18.48 -6.54 -10.97
CA LEU C 9 -18.23 -7.11 -9.64
C LEU C 9 -19.05 -8.37 -9.38
N LEU C 10 -20.16 -8.55 -10.08
CA LEU C 10 -21.03 -9.71 -9.89
C LEU C 10 -21.07 -10.51 -11.17
N ARG C 11 -20.59 -11.75 -11.12
CA ARG C 11 -20.63 -12.62 -12.28
C ARG C 11 -21.90 -13.45 -12.27
N ILE C 12 -22.63 -13.42 -13.38
CA ILE C 12 -23.82 -14.25 -13.55
C ILE C 12 -23.39 -15.63 -14.01
N LEU C 13 -23.75 -16.65 -13.24
CA LEU C 13 -23.34 -18.02 -13.52
C LEU C 13 -24.51 -18.81 -14.10
N LYS C 14 -24.18 -19.75 -14.98
CA LYS C 14 -25.14 -20.73 -15.46
C LYS C 14 -25.05 -21.99 -14.61
N GLU C 15 -26.16 -22.72 -14.53
CA GLU C 15 -26.23 -23.89 -13.67
C GLU C 15 -25.24 -24.97 -14.08
N THR C 16 -24.81 -24.99 -15.34
CA THR C 16 -23.81 -25.94 -15.80
C THR C 16 -22.40 -25.61 -15.35
N GLU C 17 -22.17 -24.41 -14.81
CA GLU C 17 -20.82 -24.01 -14.42
C GLU C 17 -20.39 -24.50 -13.04
N PHE C 18 -21.31 -24.98 -12.21
CA PHE C 18 -20.95 -25.32 -10.84
C PHE C 18 -21.82 -26.48 -10.34
N LYS C 19 -21.33 -27.16 -9.31
CA LYS C 19 -22.03 -28.29 -8.70
C LYS C 19 -21.86 -28.24 -7.20
N LYS C 20 -22.94 -28.51 -6.48
CA LYS C 20 -22.87 -28.68 -5.04
C LYS C 20 -22.48 -30.13 -4.73
N ILE C 21 -21.50 -30.31 -3.85
CA ILE C 21 -21.03 -31.65 -3.51
C ILE C 21 -21.27 -32.01 -2.04
N LYS C 22 -21.37 -31.04 -1.14
CA LYS C 22 -21.47 -31.33 0.28
C LYS C 22 -22.22 -30.22 1.00
N VAL C 23 -23.12 -30.62 1.91
CA VAL C 23 -23.83 -29.68 2.76
C VAL C 23 -22.90 -29.18 3.85
N LEU C 24 -22.87 -27.86 4.07
CA LEU C 24 -22.10 -27.29 5.16
C LEU C 24 -22.94 -26.91 6.36
N GLY C 25 -24.20 -26.55 6.17
CA GLY C 25 -25.05 -26.13 7.25
C GLY C 25 -26.29 -25.45 6.71
N SER C 26 -27.24 -25.20 7.60
CA SER C 26 -28.49 -24.56 7.22
C SER C 26 -28.92 -23.57 8.29
N GLY C 27 -29.57 -22.49 7.83
CA GLY C 27 -30.19 -21.52 8.70
C GLY C 27 -31.57 -21.14 8.21
N ALA C 28 -32.07 -19.99 8.65
CA ALA C 28 -33.36 -19.49 8.18
C ALA C 28 -33.30 -18.88 6.78
N PHE C 29 -32.10 -18.58 6.28
CA PHE C 29 -31.95 -17.88 5.00
C PHE C 29 -31.64 -18.85 3.86
N GLY C 30 -31.44 -20.10 4.17
CA GLY C 30 -31.11 -21.12 3.19
C GLY C 30 -30.00 -22.01 3.71
N THR C 31 -29.54 -22.89 2.84
CA THR C 31 -28.51 -23.86 3.16
C THR C 31 -27.26 -23.54 2.35
N VAL C 32 -26.09 -23.74 2.96
CA VAL C 32 -24.80 -23.46 2.33
C VAL C 32 -24.14 -24.78 1.98
N TYR C 33 -23.72 -24.92 0.73
CA TYR C 33 -23.04 -26.12 0.26
C TYR C 33 -21.60 -25.79 -0.06
N LYS C 34 -20.71 -26.76 0.18
CA LYS C 34 -19.40 -26.73 -0.45
C LYS C 34 -19.55 -27.20 -1.88
N GLY C 35 -19.01 -26.44 -2.83
CA GLY C 35 -19.27 -26.67 -4.22
C GLY C 35 -18.01 -26.59 -5.06
N LEU C 36 -18.17 -26.89 -6.34
CA LEU C 36 -17.08 -26.85 -7.31
C LEU C 36 -17.48 -25.97 -8.47
N TRP C 37 -16.66 -24.98 -8.78
CA TRP C 37 -16.84 -24.15 -9.96
C TRP C 37 -16.00 -24.69 -11.11
N ILE C 38 -16.64 -24.94 -12.24
CA ILE C 38 -15.97 -25.48 -13.42
C ILE C 38 -15.91 -24.39 -14.48
N PRO C 39 -14.80 -23.65 -14.57
CA PRO C 39 -14.71 -22.60 -15.60
C PRO C 39 -14.77 -23.22 -16.98
N GLU C 40 -15.49 -22.55 -17.88
CA GLU C 40 -15.71 -23.08 -19.21
C GLU C 40 -14.39 -23.28 -19.95
N GLY C 41 -14.23 -24.45 -20.55
CA GLY C 41 -13.05 -24.78 -21.32
C GLY C 41 -11.89 -25.35 -20.52
N GLU C 42 -12.03 -25.53 -19.21
CA GLU C 42 -10.94 -26.02 -18.39
C GLU C 42 -11.26 -27.42 -17.86
N LYS C 43 -10.25 -28.03 -17.27
CA LYS C 43 -10.36 -29.35 -16.64
C LYS C 43 -10.28 -29.27 -15.12
N VAL C 44 -10.19 -28.07 -14.57
CA VAL C 44 -9.99 -27.88 -13.14
C VAL C 44 -11.33 -27.72 -12.44
N LYS C 45 -11.36 -28.09 -11.17
CA LYS C 45 -12.51 -27.90 -10.30
C LYS C 45 -12.08 -27.02 -9.14
N ILE C 46 -12.69 -25.85 -9.01
CA ILE C 46 -12.28 -24.85 -8.03
C ILE C 46 -13.25 -24.90 -6.87
N PRO C 47 -12.80 -25.18 -5.65
CA PRO C 47 -13.73 -25.23 -4.51
C PRO C 47 -14.33 -23.86 -4.24
N VAL C 48 -15.64 -23.82 -4.06
CA VAL C 48 -16.37 -22.60 -3.75
C VAL C 48 -17.41 -22.92 -2.70
N ALA C 49 -17.96 -21.86 -2.11
CA ALA C 49 -19.13 -21.95 -1.24
C ALA C 49 -20.35 -21.51 -2.01
N ILE C 50 -21.43 -22.28 -1.88
CA ILE C 50 -22.69 -21.99 -2.57
C ILE C 50 -23.79 -21.94 -1.52
N LYS C 51 -24.54 -20.85 -1.50
CA LYS C 51 -25.68 -20.72 -0.61
C LYS C 51 -26.93 -20.58 -1.45
N GLU C 52 -27.86 -21.50 -1.26
CA GLU C 52 -29.14 -21.47 -1.95
C GLU C 52 -30.15 -20.88 -0.98
N LEU C 53 -30.72 -19.74 -1.34
CA LEU C 53 -31.58 -18.99 -0.43
C LEU C 53 -32.92 -19.67 -0.19
N ARG C 54 -33.52 -19.51 0.97
CA ARG C 54 -34.88 -20.10 1.17
C ARG C 54 -35.85 -19.18 0.47
N GLU C 55 -37.06 -19.61 0.15
CA GLU C 55 -37.92 -18.71 -0.63
C GLU C 55 -38.87 -17.89 0.23
N ALA C 56 -39.11 -16.64 -0.16
CA ALA C 56 -40.06 -15.75 0.55
C ALA C 56 -40.72 -14.80 -0.45
N THR C 57 -40.92 -15.26 -1.69
CA THR C 57 -41.54 -14.44 -2.76
C THR C 57 -41.03 -12.99 -2.69
N ALA C 61 -38.73 -11.04 -7.45
CA ALA C 61 -38.45 -10.98 -8.88
C ALA C 61 -36.95 -10.95 -9.12
N ASN C 62 -36.53 -11.39 -10.31
CA ASN C 62 -35.10 -11.51 -10.60
C ASN C 62 -34.41 -10.13 -10.60
N LYS C 63 -35.02 -9.13 -11.24
CA LYS C 63 -34.34 -7.85 -11.38
C LYS C 63 -34.03 -7.20 -10.04
N GLU C 64 -35.01 -7.18 -9.13
CA GLU C 64 -34.77 -6.56 -7.83
C GLU C 64 -33.74 -7.34 -7.03
N ILE C 65 -33.77 -8.67 -7.14
CA ILE C 65 -32.73 -9.50 -6.53
C ILE C 65 -31.36 -9.10 -7.08
N LEU C 66 -31.30 -8.83 -8.38
CA LEU C 66 -30.03 -8.51 -9.01
C LEU C 66 -29.50 -7.15 -8.52
N ASP C 67 -30.39 -6.19 -8.30
CA ASP C 67 -29.95 -4.88 -7.81
C ASP C 67 -29.29 -4.99 -6.44
N GLU C 68 -29.87 -5.78 -5.54
CA GLU C 68 -29.27 -5.95 -4.22
C GLU C 68 -27.96 -6.73 -4.31
N ALA C 69 -27.90 -7.73 -5.19
CA ALA C 69 -26.68 -8.52 -5.36
C ALA C 69 -25.52 -7.65 -5.82
N TYR C 70 -25.79 -6.67 -6.69
CA TYR C 70 -24.74 -5.75 -7.12
C TYR C 70 -24.16 -4.99 -5.92
N VAL C 71 -25.01 -4.63 -4.97
CA VAL C 71 -24.55 -3.96 -3.76
C VAL C 71 -23.71 -4.93 -2.92
N MET C 72 -24.23 -6.13 -2.69
CA MET C 72 -23.51 -7.14 -1.93
C MET C 72 -22.19 -7.51 -2.60
N ALA C 73 -22.13 -7.44 -3.92
CA ALA C 73 -20.89 -7.71 -4.64
C ALA C 73 -19.91 -6.55 -4.61
N SER C 74 -20.33 -5.38 -4.13
CA SER C 74 -19.52 -4.18 -4.18
C SER C 74 -18.73 -3.91 -2.90
N VAL C 75 -18.92 -4.70 -1.84
CA VAL C 75 -18.19 -4.45 -0.61
C VAL C 75 -16.74 -4.88 -0.80
N ASP C 76 -15.82 -4.04 -0.32
CA ASP C 76 -14.38 -4.26 -0.53
C ASP C 76 -13.69 -3.89 0.79
N ASN C 77 -13.55 -4.87 1.67
CA ASN C 77 -12.92 -4.65 2.97
C ASN C 77 -12.38 -5.98 3.47
N PRO C 78 -11.20 -6.00 4.08
CA PRO C 78 -10.61 -7.28 4.51
C PRO C 78 -11.44 -8.04 5.53
N HIS C 79 -12.43 -7.41 6.17
CA HIS C 79 -13.20 -8.06 7.22
C HIS C 79 -14.68 -8.19 6.87
N VAL C 80 -15.03 -8.06 5.59
CA VAL C 80 -16.39 -8.28 5.11
C VAL C 80 -16.31 -9.18 3.89
N CYS C 81 -17.04 -10.28 3.92
CA CYS C 81 -17.11 -11.14 2.73
C CYS C 81 -17.93 -10.44 1.66
N ARG C 82 -17.52 -10.58 0.41
CA ARG C 82 -18.24 -9.98 -0.70
C ARG C 82 -18.85 -11.07 -1.57
N LEU C 83 -20.05 -10.81 -2.07
CA LEU C 83 -20.69 -11.74 -2.99
C LEU C 83 -19.91 -11.79 -4.30
N LEU C 84 -19.60 -12.99 -4.76
CA LEU C 84 -18.79 -13.17 -5.96
C LEU C 84 -19.64 -13.41 -7.19
N GLY C 85 -20.66 -14.26 -7.07
CA GLY C 85 -21.49 -14.61 -8.20
C GLY C 85 -22.87 -15.03 -7.74
N ILE C 86 -23.77 -15.19 -8.70
CA ILE C 86 -25.15 -15.51 -8.42
C ILE C 86 -25.70 -16.34 -9.58
N CYS C 87 -26.56 -17.30 -9.26
CA CYS C 87 -27.25 -18.10 -10.26
C CYS C 87 -28.74 -18.00 -10.00
N LEU C 88 -29.48 -17.47 -10.97
CA LEU C 88 -30.91 -17.22 -10.82
C LEU C 88 -31.68 -18.24 -11.66
N THR C 89 -31.69 -19.47 -11.18
CA THR C 89 -32.54 -20.51 -11.74
C THR C 89 -33.92 -20.38 -11.09
N SER C 90 -34.67 -21.48 -11.03
CA SER C 90 -35.93 -21.46 -10.30
C SER C 90 -35.71 -21.02 -8.85
N THR C 91 -34.61 -21.44 -8.24
CA THR C 91 -34.20 -21.00 -6.92
C THR C 91 -32.94 -20.14 -7.00
N VAL C 92 -32.80 -19.23 -6.04
CA VAL C 92 -31.67 -18.30 -6.03
C VAL C 92 -30.48 -18.96 -5.35
N GLN C 93 -29.32 -18.94 -6.03
CA GLN C 93 -28.08 -19.47 -5.49
C GLN C 93 -26.99 -18.42 -5.59
N LEU C 94 -26.17 -18.32 -4.54
CA LEU C 94 -25.10 -17.34 -4.47
C LEU C 94 -23.77 -18.05 -4.28
N ILE C 95 -22.72 -17.49 -4.86
CA ILE C 95 -21.39 -18.07 -4.83
C ILE C 95 -20.44 -17.08 -4.17
N MET C 96 -19.65 -17.59 -3.24
CA MET C 96 -18.71 -16.79 -2.45
C MET C 96 -17.45 -17.63 -2.23
N GLN C 97 -16.42 -17.05 -1.64
CA GLN C 97 -15.22 -17.78 -1.29
C GLN C 97 -15.53 -18.81 -0.20
N LEU C 98 -14.92 -20.00 -0.33
CA LEU C 98 -15.10 -21.03 0.67
C LEU C 98 -14.17 -20.82 1.85
N MET C 99 -14.73 -20.83 3.05
CA MET C 99 -13.96 -20.71 4.29
C MET C 99 -13.92 -22.06 4.98
N PRO C 100 -12.85 -22.84 4.81
CA PRO C 100 -12.81 -24.18 5.41
C PRO C 100 -12.88 -24.19 6.93
N PHE C 101 -12.52 -23.10 7.60
CA PHE C 101 -12.59 -23.09 9.06
C PHE C 101 -14.01 -22.93 9.59
N GLY C 102 -14.94 -22.48 8.75
CA GLY C 102 -16.31 -22.30 9.20
C GLY C 102 -16.53 -20.97 9.90
N CYS C 103 -17.66 -20.89 10.60
CA CYS C 103 -18.06 -19.69 11.30
C CYS C 103 -17.41 -19.60 12.67
N LEU C 104 -17.36 -18.37 13.21
CA LEU C 104 -16.72 -18.13 14.49
C LEU C 104 -17.48 -18.78 15.65
N LEU C 105 -18.81 -18.91 15.51
CA LEU C 105 -19.61 -19.53 16.56
C LEU C 105 -19.21 -20.99 16.77
N ASP C 106 -19.23 -21.79 15.69
CA ASP C 106 -18.78 -23.18 15.79
C ASP C 106 -17.32 -23.26 16.22
N TYR C 107 -16.50 -22.29 15.79
CA TYR C 107 -15.08 -22.32 16.12
C TYR C 107 -14.84 -22.17 17.61
N VAL C 108 -15.51 -21.18 18.24
CA VAL C 108 -15.26 -20.94 19.66
C VAL C 108 -15.85 -22.08 20.50
N ARG C 109 -16.93 -22.70 20.03
CA ARG C 109 -17.45 -23.88 20.73
C ARG C 109 -16.49 -25.05 20.63
N GLU C 110 -15.86 -25.24 19.47
CA GLU C 110 -14.93 -26.37 19.32
C GLU C 110 -13.65 -26.14 20.10
N HIS C 111 -13.28 -24.90 20.34
CA HIS C 111 -12.05 -24.54 21.04
C HIS C 111 -12.37 -23.84 22.36
N LYS C 112 -13.40 -24.33 23.06
CA LYS C 112 -13.91 -23.73 24.29
C LYS C 112 -12.82 -23.22 25.22
N ASP C 113 -11.99 -24.11 25.77
CA ASP C 113 -10.93 -23.65 26.67
C ASP C 113 -9.56 -23.63 26.00
N ASN C 114 -9.52 -23.44 24.68
CA ASN C 114 -8.26 -23.35 23.95
C ASN C 114 -8.05 -21.97 23.35
N ILE C 115 -8.87 -20.98 23.72
CA ILE C 115 -8.82 -19.65 23.12
C ILE C 115 -8.33 -18.65 24.14
N GLY C 116 -7.29 -17.90 23.77
CA GLY C 116 -6.75 -16.85 24.61
C GLY C 116 -7.46 -15.52 24.45
N SER C 117 -7.20 -14.61 25.38
CA SER C 117 -7.81 -13.29 25.33
C SER C 117 -7.33 -12.49 24.12
N GLN C 118 -6.12 -12.75 23.64
CA GLN C 118 -5.60 -11.99 22.50
C GLN C 118 -6.41 -12.27 21.24
N TYR C 119 -6.79 -13.53 21.00
CA TYR C 119 -7.65 -13.84 19.87
C TYR C 119 -9.02 -13.21 20.02
N LEU C 120 -9.64 -13.39 21.19
CA LEU C 120 -11.00 -12.90 21.42
C LEU C 120 -11.09 -11.39 21.19
N LEU C 121 -10.14 -10.63 21.73
CA LEU C 121 -10.17 -9.19 21.58
C LEU C 121 -9.83 -8.76 20.16
N ASN C 122 -8.92 -9.48 19.49
CA ASN C 122 -8.59 -9.17 18.11
C ASN C 122 -9.77 -9.45 17.19
N TRP C 123 -10.51 -10.53 17.45
CA TRP C 123 -11.73 -10.80 16.69
C TRP C 123 -12.74 -9.67 16.85
N CYS C 124 -12.87 -9.13 18.08
CA CYS C 124 -13.79 -8.02 18.30
C CYS C 124 -13.37 -6.80 17.50
N VAL C 125 -12.06 -6.54 17.40
CA VAL C 125 -11.57 -5.42 16.61
C VAL C 125 -11.93 -5.60 15.14
N GLN C 126 -11.67 -6.80 14.61
CA GLN C 126 -11.89 -7.04 13.18
C GLN C 126 -13.36 -6.96 12.82
N ILE C 127 -14.24 -7.52 13.67
CA ILE C 127 -15.67 -7.43 13.43
C ILE C 127 -16.14 -5.98 13.43
N ALA C 128 -15.61 -5.18 14.36
CA ALA C 128 -15.98 -3.77 14.41
C ALA C 128 -15.45 -3.01 13.19
N LYS C 129 -14.26 -3.36 12.72
CA LYS C 129 -13.74 -2.75 11.50
C LYS C 129 -14.64 -3.05 10.31
N GLY C 130 -15.06 -4.31 10.16
CA GLY C 130 -15.96 -4.64 9.08
C GLY C 130 -17.30 -3.93 9.19
N MET C 131 -17.81 -3.80 10.40
CA MET C 131 -19.08 -3.09 10.60
C MET C 131 -18.92 -1.60 10.37
N ASN C 132 -17.78 -1.02 10.80
CA ASN C 132 -17.52 0.38 10.53
C ASN C 132 -17.47 0.65 9.02
N TYR C 133 -16.89 -0.28 8.26
CA TYR C 133 -16.84 -0.14 6.81
C TYR C 133 -18.24 -0.13 6.21
N LEU C 134 -19.11 -1.04 6.66
CA LEU C 134 -20.47 -1.07 6.14
C LEU C 134 -21.21 0.23 6.44
N GLU C 135 -21.02 0.78 7.64
CA GLU C 135 -21.65 2.04 7.99
C GLU C 135 -21.16 3.18 7.12
N ASP C 136 -19.85 3.22 6.85
CA ASP C 136 -19.31 4.24 5.95
C ASP C 136 -19.89 4.12 4.56
N ARG C 137 -20.20 2.90 4.13
CA ARG C 137 -20.90 2.64 2.88
C ARG C 137 -22.41 2.81 2.99
N ARG C 138 -22.91 3.26 4.16
CA ARG C 138 -24.35 3.44 4.39
C ARG C 138 -25.10 2.14 4.17
N LEU C 139 -24.49 1.03 4.60
CA LEU C 139 -25.09 -0.30 4.49
C LEU C 139 -25.38 -0.84 5.88
N VAL C 140 -26.63 -1.28 6.10
CA VAL C 140 -27.03 -1.91 7.35
C VAL C 140 -27.00 -3.41 7.17
N HIS C 141 -26.36 -4.11 8.11
CA HIS C 141 -26.25 -5.57 7.99
C HIS C 141 -27.57 -6.25 8.27
N ARG C 142 -28.16 -5.99 9.44
CA ARG C 142 -29.46 -6.47 9.92
C ARG C 142 -29.42 -7.90 10.46
N ASP C 143 -28.29 -8.63 10.37
CA ASP C 143 -28.22 -9.98 10.92
C ASP C 143 -26.81 -10.30 11.40
N LEU C 144 -26.19 -9.36 12.09
CA LEU C 144 -24.87 -9.63 12.66
C LEU C 144 -24.99 -10.58 13.85
N ALA C 145 -24.20 -11.66 13.80
CA ALA C 145 -24.15 -12.65 14.87
C ALA C 145 -22.90 -13.49 14.66
N ALA C 146 -22.52 -14.23 15.71
CA ALA C 146 -21.30 -15.03 15.64
C ALA C 146 -21.39 -16.10 14.55
N ARG C 147 -22.60 -16.56 14.25
CA ARG C 147 -22.79 -17.49 13.14
C ARG C 147 -22.55 -16.83 11.80
N ASN C 148 -22.66 -15.51 11.72
CA ASN C 148 -22.44 -14.77 10.50
C ASN C 148 -21.07 -14.10 10.47
N VAL C 149 -20.11 -14.62 11.23
CA VAL C 149 -18.71 -14.23 11.15
C VAL C 149 -17.91 -15.47 10.77
N LEU C 150 -17.21 -15.39 9.64
CA LEU C 150 -16.44 -16.52 9.14
C LEU C 150 -14.98 -16.41 9.54
N VAL C 151 -14.37 -17.57 9.76
CA VAL C 151 -12.95 -17.66 10.10
C VAL C 151 -12.20 -17.93 8.81
N LYS C 152 -11.51 -16.92 8.28
CA LYS C 152 -10.64 -17.12 7.13
C LYS C 152 -9.39 -17.89 7.56
N THR C 153 -8.67 -17.34 8.53
CA THR C 153 -7.67 -18.04 9.32
C THR C 153 -7.99 -17.74 10.77
N PRO C 154 -7.40 -18.46 11.73
CA PRO C 154 -7.61 -18.12 13.15
C PRO C 154 -7.27 -16.67 13.46
N GLN C 155 -6.40 -16.05 12.66
CA GLN C 155 -5.99 -14.67 12.86
C GLN C 155 -6.83 -13.67 12.07
N HIS C 156 -7.81 -14.13 11.29
CA HIS C 156 -8.46 -13.27 10.31
C HIS C 156 -9.91 -13.72 10.17
N VAL C 157 -10.84 -12.93 10.68
CA VAL C 157 -12.26 -13.23 10.56
C VAL C 157 -12.90 -12.18 9.67
N LYS C 158 -14.04 -12.55 9.09
CA LYS C 158 -14.75 -11.70 8.14
C LYS C 158 -16.25 -11.84 8.36
N ILE C 159 -16.96 -10.73 8.23
CA ILE C 159 -18.41 -10.73 8.35
C ILE C 159 -19.00 -11.23 7.04
N THR C 160 -20.05 -12.04 7.15
CA THR C 160 -20.72 -12.64 6.00
C THR C 160 -22.22 -12.42 6.15
N ASP C 161 -23.03 -12.87 5.20
CA ASP C 161 -24.52 -12.80 5.24
C ASP C 161 -25.09 -11.39 5.10
N PHE C 162 -24.31 -10.45 4.60
CA PHE C 162 -24.78 -9.05 4.46
C PHE C 162 -25.84 -8.98 3.36
N GLY C 163 -26.93 -8.25 3.59
CA GLY C 163 -27.97 -8.03 2.58
C GLY C 163 -28.91 -9.20 2.39
N LEU C 164 -28.73 -10.27 3.13
CA LEU C 164 -29.53 -11.49 2.94
C LEU C 164 -30.83 -11.36 3.74
N ALA C 165 -31.00 -10.24 4.42
CA ALA C 165 -32.27 -9.97 5.14
C ALA C 165 -33.21 -9.28 4.19
N LYS C 166 -33.01 -9.40 2.88
CA LYS C 166 -34.04 -8.84 1.98
C LYS C 166 -34.89 -10.03 1.56
N LEU C 167 -34.58 -11.21 2.11
CA LEU C 167 -35.42 -12.40 1.88
C LEU C 167 -36.49 -12.09 2.91
N LEU C 168 -36.23 -11.11 3.78
CA LEU C 168 -37.11 -10.68 4.90
C LEU C 168 -37.83 -11.78 5.66
N GLY C 169 -38.94 -11.43 6.27
CA GLY C 169 -39.69 -12.41 7.08
C GLY C 169 -41.15 -12.10 7.00
N ALA C 170 -41.96 -12.87 7.70
CA ALA C 170 -43.42 -12.65 7.67
C ALA C 170 -43.90 -12.25 9.06
N GLU C 171 -44.14 -13.21 9.95
CA GLU C 171 -44.69 -12.92 11.31
C GLU C 171 -44.02 -13.84 12.31
N GLU C 172 -42.72 -14.08 12.11
CA GLU C 172 -41.92 -14.85 13.08
C GLU C 172 -41.31 -13.78 13.97
N LYS C 173 -41.74 -12.53 13.78
CA LYS C 173 -41.22 -11.40 14.57
C LYS C 173 -42.00 -11.33 15.88
N LYS C 181 -36.71 -17.93 12.75
CA LYS C 181 -36.47 -17.39 11.38
C LYS C 181 -36.01 -15.94 11.40
N VAL C 182 -36.50 -15.11 12.32
CA VAL C 182 -35.96 -13.73 12.47
C VAL C 182 -35.09 -13.70 13.73
N PRO C 183 -33.89 -13.07 13.70
CA PRO C 183 -32.95 -13.11 14.83
C PRO C 183 -33.36 -12.26 16.05
N ILE C 184 -34.49 -12.57 16.68
CA ILE C 184 -35.05 -11.72 17.74
C ILE C 184 -34.04 -11.47 18.84
N LYS C 185 -33.32 -12.51 19.24
CA LYS C 185 -32.41 -12.41 20.40
C LYS C 185 -31.11 -11.67 20.09
N TRP C 186 -30.95 -11.22 18.85
CA TRP C 186 -29.75 -10.47 18.39
C TRP C 186 -30.17 -9.05 18.05
N MET C 187 -31.47 -8.81 18.06
CA MET C 187 -32.08 -7.61 17.46
C MET C 187 -32.29 -6.50 18.49
N ALA C 188 -32.13 -5.27 18.06
CA ALA C 188 -32.39 -4.11 18.93
C ALA C 188 -33.91 -4.02 19.19
N LEU C 189 -34.29 -3.40 20.30
CA LEU C 189 -35.70 -3.32 20.66
C LEU C 189 -36.50 -2.64 19.56
N GLU C 190 -36.00 -1.55 18.99
CA GLU C 190 -36.72 -0.86 17.93
C GLU C 190 -36.86 -1.73 16.69
N SER C 191 -35.91 -2.64 16.47
CA SER C 191 -36.04 -3.57 15.34
C SER C 191 -37.13 -4.60 15.61
N ILE C 192 -37.22 -5.08 16.85
CA ILE C 192 -38.25 -6.04 17.22
C ILE C 192 -39.64 -5.42 17.10
N LEU C 193 -39.78 -4.17 17.56
CA LEU C 193 -41.10 -3.57 17.68
C LEU C 193 -41.59 -2.94 16.38
N HIS C 194 -40.71 -2.28 15.63
CA HIS C 194 -41.12 -1.48 14.49
C HIS C 194 -40.38 -1.81 13.20
N ARG C 195 -39.59 -2.88 13.18
CA ARG C 195 -38.78 -3.25 12.00
C ARG C 195 -37.87 -2.11 11.57
N ILE C 196 -37.38 -1.33 12.53
CA ILE C 196 -36.45 -0.24 12.27
C ILE C 196 -35.04 -0.82 12.31
N TYR C 197 -34.31 -0.67 11.21
CA TYR C 197 -32.93 -1.14 11.11
C TYR C 197 -32.03 0.03 10.75
N THR C 198 -31.05 0.31 11.60
CA THR C 198 -30.08 1.37 11.38
C THR C 198 -28.70 0.85 11.72
N HIS C 199 -27.70 1.72 11.61
CA HIS C 199 -26.36 1.36 12.06
C HIS C 199 -26.33 1.18 13.58
N GLN C 200 -27.18 1.90 14.31
CA GLN C 200 -27.22 1.75 15.77
C GLN C 200 -27.90 0.46 16.21
N SER C 201 -28.84 -0.06 15.42
CA SER C 201 -29.36 -1.39 15.72
C SER C 201 -28.35 -2.47 15.40
N ASP C 202 -27.48 -2.24 14.41
CA ASP C 202 -26.36 -3.15 14.19
C ASP C 202 -25.41 -3.15 15.37
N VAL C 203 -25.23 -2.00 16.02
CA VAL C 203 -24.38 -1.93 17.20
C VAL C 203 -24.93 -2.83 18.32
N TRP C 204 -26.25 -2.85 18.47
CA TRP C 204 -26.88 -3.77 19.41
C TRP C 204 -26.48 -5.21 19.10
N SER C 205 -26.65 -5.62 17.84
CA SER C 205 -26.28 -6.98 17.45
C SER C 205 -24.80 -7.24 17.65
N TYR C 206 -23.95 -6.23 17.45
CA TYR C 206 -22.53 -6.38 17.73
C TYR C 206 -22.30 -6.72 19.21
N GLY C 207 -23.04 -6.08 20.10
CA GLY C 207 -22.89 -6.39 21.52
C GLY C 207 -23.25 -7.83 21.84
N VAL C 208 -24.33 -8.34 21.25
CA VAL C 208 -24.69 -9.74 21.46
C VAL C 208 -23.61 -10.65 20.87
N THR C 209 -23.07 -10.28 19.70
CA THR C 209 -22.02 -11.08 19.07
C THR C 209 -20.80 -11.18 19.98
N VAL C 210 -20.39 -10.06 20.56
CA VAL C 210 -19.26 -10.08 21.50
C VAL C 210 -19.60 -10.97 22.70
N TRP C 211 -20.84 -10.90 23.19
CA TRP C 211 -21.26 -11.76 24.29
C TRP C 211 -21.14 -13.23 23.91
N GLU C 212 -21.54 -13.58 22.69
CA GLU C 212 -21.37 -14.95 22.22
C GLU C 212 -19.91 -15.39 22.30
N LEU C 213 -18.99 -14.53 21.84
CA LEU C 213 -17.58 -14.90 21.82
C LEU C 213 -17.04 -15.08 23.24
N MET C 214 -17.36 -14.15 24.13
CA MET C 214 -16.82 -14.20 25.48
C MET C 214 -17.38 -15.37 26.30
N THR C 215 -18.56 -15.87 25.95
CA THR C 215 -19.09 -17.08 26.56
C THR C 215 -18.74 -18.34 25.79
N PHE C 216 -17.89 -18.22 24.77
CA PHE C 216 -17.48 -19.36 23.94
C PHE C 216 -18.68 -20.05 23.28
N GLY C 217 -19.64 -19.25 22.85
CA GLY C 217 -20.75 -19.75 22.06
C GLY C 217 -22.01 -20.12 22.82
N SER C 218 -22.23 -19.57 24.01
CA SER C 218 -23.49 -19.82 24.71
C SER C 218 -24.66 -19.21 23.95
N LYS C 219 -25.84 -19.79 24.16
CA LYS C 219 -27.05 -19.28 23.53
C LYS C 219 -27.60 -18.10 24.33
N PRO C 220 -27.81 -16.93 23.71
CA PRO C 220 -28.32 -15.78 24.46
C PRO C 220 -29.76 -15.96 24.90
N TYR C 221 -30.04 -15.53 26.13
CA TYR C 221 -31.37 -15.64 26.74
C TYR C 221 -31.91 -17.06 26.63
N ASP C 222 -31.08 -18.05 26.89
CA ASP C 222 -31.51 -19.43 26.71
C ASP C 222 -32.57 -19.77 27.74
N GLY C 223 -33.66 -20.39 27.27
CA GLY C 223 -34.80 -20.72 28.10
C GLY C 223 -35.88 -19.64 28.14
N ILE C 224 -35.61 -18.46 27.61
CA ILE C 224 -36.61 -17.40 27.48
C ILE C 224 -37.16 -17.48 26.06
N PRO C 225 -38.48 -17.55 25.88
CA PRO C 225 -39.03 -17.60 24.52
C PRO C 225 -38.72 -16.30 23.77
N ALA C 226 -38.49 -16.44 22.45
CA ALA C 226 -38.21 -15.27 21.64
C ALA C 226 -39.40 -14.30 21.64
N SER C 227 -40.62 -14.83 21.73
CA SER C 227 -41.81 -13.98 21.78
C SER C 227 -41.81 -13.08 23.01
N GLU C 228 -41.09 -13.45 24.06
CA GLU C 228 -41.05 -12.70 25.31
C GLU C 228 -39.86 -11.73 25.39
N ILE C 229 -39.00 -11.69 24.37
CA ILE C 229 -37.75 -10.95 24.47
C ILE C 229 -38.00 -9.45 24.57
N SER C 230 -38.90 -8.91 23.74
CA SER C 230 -39.16 -7.48 23.78
C SER C 230 -39.66 -7.02 25.15
N SER C 231 -40.38 -7.88 25.86
CA SER C 231 -40.90 -7.49 27.17
C SER C 231 -39.78 -7.40 28.20
N ILE C 232 -38.89 -8.39 28.26
CA ILE C 232 -37.83 -8.37 29.27
C ILE C 232 -36.86 -7.23 29.00
N LEU C 233 -36.68 -6.85 27.73
CA LEU C 233 -35.77 -5.74 27.41
C LEU C 233 -36.34 -4.42 27.92
N GLU C 234 -37.64 -4.22 27.76
CA GLU C 234 -38.25 -2.99 28.25
C GLU C 234 -38.18 -2.89 29.77
N LYS C 235 -38.13 -4.02 30.45
CA LYS C 235 -37.94 -4.09 31.90
C LYS C 235 -36.50 -3.84 32.34
N GLY C 236 -35.56 -3.68 31.42
CA GLY C 236 -34.18 -3.51 31.81
C GLY C 236 -33.38 -4.78 31.96
N GLU C 237 -33.94 -5.92 31.58
CA GLU C 237 -33.19 -7.17 31.65
C GLU C 237 -32.24 -7.26 30.46
N ARG C 238 -31.00 -7.67 30.73
CA ARG C 238 -29.99 -7.82 29.69
C ARG C 238 -29.22 -9.10 29.93
N LEU C 239 -28.38 -9.45 28.95
CA LEU C 239 -27.53 -10.62 29.07
C LEU C 239 -26.54 -10.46 30.23
N PRO C 240 -26.22 -11.54 30.93
CA PRO C 240 -25.35 -11.43 32.11
C PRO C 240 -23.89 -11.30 31.73
N GLN C 241 -23.10 -10.84 32.70
CA GLN C 241 -21.67 -10.66 32.51
C GLN C 241 -20.97 -12.01 32.33
N PRO C 242 -20.24 -12.23 31.25
CA PRO C 242 -19.50 -13.49 31.09
C PRO C 242 -18.41 -13.60 32.14
N PRO C 243 -18.20 -14.80 32.69
CA PRO C 243 -17.21 -14.95 33.79
C PRO C 243 -15.81 -14.50 33.44
N ILE C 244 -15.39 -14.52 32.16
CA ILE C 244 -14.03 -14.10 31.82
C ILE C 244 -13.93 -12.61 31.61
N CYS C 245 -15.05 -11.89 31.53
CA CYS C 245 -15.03 -10.47 31.22
C CYS C 245 -14.78 -9.65 32.47
N THR C 246 -13.85 -8.70 32.39
CA THR C 246 -13.79 -7.66 33.39
C THR C 246 -14.99 -6.72 33.22
N ILE C 247 -15.19 -5.84 34.21
CA ILE C 247 -16.31 -4.91 34.14
C ILE C 247 -16.13 -3.96 32.97
N ASP C 248 -14.87 -3.78 32.54
CA ASP C 248 -14.54 -2.92 31.41
C ASP C 248 -15.23 -3.37 30.14
N VAL C 249 -15.18 -4.68 29.87
CA VAL C 249 -15.75 -5.22 28.65
C VAL C 249 -17.27 -5.29 28.73
N TYR C 250 -17.78 -5.70 29.89
CA TYR C 250 -19.23 -5.84 30.04
C TYR C 250 -19.94 -4.50 29.93
N MET C 251 -19.32 -3.43 30.44
CA MET C 251 -19.93 -2.10 30.33
C MET C 251 -20.06 -1.66 28.88
N ILE C 252 -19.06 -1.98 28.05
CA ILE C 252 -19.15 -1.68 26.63
C ILE C 252 -20.30 -2.46 26.00
N MET C 253 -20.38 -3.76 26.32
CA MET C 253 -21.49 -4.58 25.83
C MET C 253 -22.83 -4.02 26.29
N ARG C 254 -22.91 -3.57 27.56
CA ARG C 254 -24.15 -3.03 28.08
C ARG C 254 -24.52 -1.72 27.38
N LYS C 255 -23.52 -0.89 27.07
CA LYS C 255 -23.80 0.34 26.34
C LYS C 255 -24.36 0.06 24.95
N CYS C 256 -23.99 -1.08 24.35
CA CYS C 256 -24.55 -1.45 23.05
C CYS C 256 -26.03 -1.77 23.13
N TRP C 257 -26.55 -2.10 24.31
CA TRP C 257 -27.93 -2.55 24.48
C TRP C 257 -28.81 -1.49 25.15
N MET C 258 -28.45 -0.21 25.01
CA MET C 258 -29.30 0.84 25.55
C MET C 258 -30.52 1.06 24.68
N ILE C 259 -31.64 1.39 25.33
CA ILE C 259 -32.89 1.63 24.61
C ILE C 259 -32.73 2.79 23.64
N ASP C 260 -32.08 3.87 24.09
CA ASP C 260 -31.82 5.04 23.26
C ASP C 260 -30.69 4.71 22.29
N ALA C 261 -31.04 4.56 21.01
CA ALA C 261 -30.04 4.15 20.02
C ALA C 261 -28.88 5.14 19.93
N ASP C 262 -29.14 6.43 20.19
CA ASP C 262 -28.10 7.44 20.11
C ASP C 262 -27.15 7.41 21.29
N SER C 263 -27.46 6.67 22.34
CA SER C 263 -26.54 6.48 23.45
C SER C 263 -25.60 5.30 23.26
N ARG C 264 -25.92 4.40 22.33
CA ARG C 264 -25.05 3.29 22.03
C ARG C 264 -23.74 3.77 21.40
N PRO C 265 -22.64 3.04 21.59
CA PRO C 265 -21.38 3.44 20.97
C PRO C 265 -21.45 3.40 19.45
N LYS C 266 -20.52 4.11 18.82
CA LYS C 266 -20.32 4.03 17.38
C LYS C 266 -19.26 2.97 17.09
N PHE C 267 -19.36 2.38 15.90
CA PHE C 267 -18.41 1.32 15.54
C PHE C 267 -16.98 1.85 15.55
N ARG C 268 -16.77 3.10 15.15
CA ARG C 268 -15.42 3.66 15.17
C ARG C 268 -14.89 3.77 16.60
N GLU C 269 -15.76 4.05 17.57
CA GLU C 269 -15.33 4.04 18.96
C GLU C 269 -15.01 2.64 19.45
N LEU C 270 -15.80 1.65 19.01
CA LEU C 270 -15.55 0.27 19.41
C LEU C 270 -14.21 -0.23 18.90
N ILE C 271 -13.83 0.18 17.68
CA ILE C 271 -12.52 -0.19 17.14
C ILE C 271 -11.41 0.29 18.07
N ILE C 272 -11.48 1.56 18.47
CA ILE C 272 -10.44 2.15 19.31
C ILE C 272 -10.42 1.48 20.68
N GLU C 273 -11.59 1.24 21.26
CA GLU C 273 -11.65 0.71 22.63
C GLU C 273 -11.13 -0.73 22.69
N PHE C 274 -11.55 -1.58 21.75
CA PHE C 274 -11.10 -2.96 21.76
C PHE C 274 -9.65 -3.08 21.30
N SER C 275 -9.18 -2.17 20.46
CA SER C 275 -7.76 -2.17 20.08
C SER C 275 -6.87 -1.92 21.30
N LYS C 276 -7.22 -0.94 22.13
CA LYS C 276 -6.45 -0.69 23.34
C LYS C 276 -6.48 -1.90 24.28
N MET C 277 -7.64 -2.54 24.39
CA MET C 277 -7.74 -3.73 25.23
C MET C 277 -6.90 -4.86 24.66
N ALA C 278 -6.76 -4.92 23.33
CA ALA C 278 -5.95 -5.95 22.72
C ALA C 278 -4.46 -5.75 23.00
N ARG C 279 -4.03 -4.53 23.31
CA ARG C 279 -2.64 -4.30 23.69
C ARG C 279 -2.34 -4.67 25.12
N ASP C 280 -3.36 -5.00 25.92
CA ASP C 280 -3.16 -5.53 27.26
C ASP C 280 -4.30 -6.51 27.56
N PRO C 281 -4.36 -7.61 26.83
CA PRO C 281 -5.57 -8.44 26.86
C PRO C 281 -5.86 -9.07 28.20
N GLN C 282 -4.84 -9.46 28.96
CA GLN C 282 -5.06 -10.12 30.25
C GLN C 282 -5.56 -9.15 31.31
N ARG C 283 -5.50 -7.84 31.08
CA ARG C 283 -6.08 -6.89 32.01
C ARG C 283 -7.60 -6.78 31.84
N TYR C 284 -8.12 -7.17 30.69
CA TYR C 284 -9.53 -7.01 30.37
C TYR C 284 -10.30 -8.31 30.22
N LEU C 285 -9.61 -9.43 30.03
CA LEU C 285 -10.23 -10.74 30.06
C LEU C 285 -9.48 -11.62 31.03
N VAL C 286 -10.21 -12.29 31.91
CA VAL C 286 -9.61 -13.15 32.93
C VAL C 286 -9.88 -14.58 32.50
N ILE C 287 -8.85 -15.23 31.95
CA ILE C 287 -8.96 -16.57 31.42
C ILE C 287 -7.94 -17.44 32.13
N GLN C 288 -8.41 -18.55 32.69
CA GLN C 288 -7.62 -19.49 33.45
C GLN C 288 -6.58 -20.15 32.56
N GLY C 289 -5.30 -19.79 32.72
CA GLY C 289 -4.28 -20.35 31.86
C GLY C 289 -4.05 -19.57 30.58
N ASP C 290 -4.33 -18.27 30.59
CA ASP C 290 -4.25 -17.44 29.40
C ASP C 290 -2.86 -17.47 28.76
N GLU C 291 -1.82 -17.72 29.56
CA GLU C 291 -0.45 -17.68 29.06
C GLU C 291 -0.19 -18.80 28.08
N ARG C 292 -0.45 -20.05 28.51
CA ARG C 292 -0.34 -21.22 27.64
C ARG C 292 -1.07 -21.04 26.32
N MET C 293 -2.13 -20.23 26.30
CA MET C 293 -2.92 -20.06 25.09
C MET C 293 -2.04 -19.59 23.94
N HIS C 294 -2.15 -20.28 22.80
CA HIS C 294 -1.35 -19.97 21.61
C HIS C 294 -1.41 -18.53 21.15
N LEU C 295 -0.29 -17.82 21.24
CA LEU C 295 -0.21 -16.58 20.47
C LEU C 295 0.34 -16.89 19.09
N PRO C 296 -0.11 -16.24 18.03
CA PRO C 296 0.39 -16.62 16.69
C PRO C 296 1.83 -16.17 16.50
N SER C 297 2.66 -17.08 16.01
CA SER C 297 4.04 -16.73 15.69
C SER C 297 4.08 -16.11 14.30
N PRO C 298 5.12 -15.32 14.01
CA PRO C 298 5.31 -14.87 12.62
C PRO C 298 5.42 -16.02 11.63
N THR C 299 6.05 -17.13 12.02
CA THR C 299 6.19 -18.27 11.12
C THR C 299 4.84 -18.87 10.78
N ASP C 300 4.02 -19.14 11.80
CA ASP C 300 2.71 -19.74 11.55
C ASP C 300 1.78 -18.79 10.81
N SER C 301 1.87 -17.49 11.09
CA SER C 301 0.98 -16.53 10.43
C SER C 301 1.38 -16.34 8.97
N ASN C 302 2.68 -16.28 8.69
CA ASN C 302 3.13 -16.20 7.30
C ASN C 302 2.73 -17.44 6.52
N PHE C 303 2.82 -18.61 7.15
CA PHE C 303 2.43 -19.85 6.49
C PHE C 303 0.94 -19.86 6.16
N TYR C 304 0.11 -19.44 7.13
CA TYR C 304 -1.32 -19.34 6.88
C TYR C 304 -1.63 -18.41 5.72
N ARG C 305 -0.96 -17.25 5.68
CA ARG C 305 -1.28 -16.23 4.68
C ARG C 305 -0.85 -16.65 3.28
N ALA C 306 0.36 -17.18 3.13
CA ALA C 306 0.81 -17.60 1.81
C ALA C 306 -0.06 -18.72 1.26
N LEU C 307 -0.64 -19.53 2.14
CA LEU C 307 -1.40 -20.71 1.76
C LEU C 307 -2.86 -20.39 1.45
N MET C 308 -3.53 -19.62 2.30
CA MET C 308 -4.97 -19.44 2.16
C MET C 308 -5.47 -18.04 2.47
N ASP C 309 -4.59 -17.05 2.67
CA ASP C 309 -5.06 -15.70 3.04
C ASP C 309 -4.07 -14.68 2.47
N GLU C 310 -4.17 -14.44 1.16
CA GLU C 310 -3.26 -13.54 0.46
C GLU C 310 -3.79 -12.11 0.36
N GLU C 311 -4.98 -11.83 0.87
CA GLU C 311 -5.58 -10.51 0.66
C GLU C 311 -4.91 -9.46 1.55
N ASP C 312 -5.04 -8.20 1.13
CA ASP C 312 -4.49 -7.09 1.89
C ASP C 312 -5.20 -6.96 3.23
N MET C 313 -4.42 -6.80 4.28
CA MET C 313 -5.01 -6.69 5.62
C MET C 313 -4.07 -5.77 6.38
N ASP C 314 -4.51 -5.18 7.47
CA ASP C 314 -3.53 -4.42 8.29
C ASP C 314 -2.86 -5.42 9.24
N ASP C 315 -2.33 -4.92 10.35
CA ASP C 315 -1.71 -5.83 11.34
C ASP C 315 -2.63 -6.06 12.53
N VAL C 316 -2.50 -7.20 13.16
CA VAL C 316 -3.22 -7.61 14.35
C VAL C 316 -2.66 -6.89 15.57
N VAL C 317 -3.54 -6.48 16.48
CA VAL C 317 -3.14 -5.72 17.66
C VAL C 317 -2.47 -6.65 18.66
N ASN D 6 -5.93 34.13 -5.63
CA ASN D 6 -5.13 33.75 -6.79
C ASN D 6 -5.78 32.57 -7.51
N GLN D 7 -6.00 32.75 -8.81
CA GLN D 7 -6.64 31.70 -9.60
C GLN D 7 -5.80 30.44 -9.66
N ALA D 8 -4.48 30.58 -9.62
CA ALA D 8 -3.55 29.46 -9.68
C ALA D 8 -3.50 28.61 -8.41
N LEU D 9 -4.08 29.08 -7.30
CA LEU D 9 -4.01 28.33 -6.06
C LEU D 9 -5.00 27.17 -6.01
N LEU D 10 -6.06 27.20 -6.79
CA LEU D 10 -7.08 26.16 -6.81
C LEU D 10 -7.04 25.45 -8.16
N ARG D 11 -6.78 24.15 -8.14
CA ARG D 11 -6.71 23.37 -9.37
C ARG D 11 -8.09 22.86 -9.74
N ILE D 12 -8.50 23.11 -10.99
CA ILE D 12 -9.72 22.51 -11.51
C ILE D 12 -9.38 21.10 -11.98
N LEU D 13 -10.05 20.11 -11.42
CA LEU D 13 -9.73 18.72 -11.67
C LEU D 13 -10.76 18.08 -12.60
N LYS D 14 -10.28 17.13 -13.39
CA LYS D 14 -11.15 16.30 -14.19
C LYS D 14 -11.50 15.04 -13.41
N GLU D 15 -12.69 14.50 -13.67
CA GLU D 15 -13.13 13.33 -12.92
C GLU D 15 -12.26 12.11 -13.23
N THR D 16 -11.64 12.07 -14.41
CA THR D 16 -10.70 11.01 -14.76
C THR D 16 -9.36 11.16 -14.06
N GLU D 17 -9.11 12.30 -13.41
CA GLU D 17 -7.82 12.54 -12.77
C GLU D 17 -7.69 11.92 -11.39
N PHE D 18 -8.78 11.48 -10.79
CA PHE D 18 -8.71 10.97 -9.42
C PHE D 18 -9.76 9.89 -9.24
N LYS D 19 -9.52 9.02 -8.25
CA LYS D 19 -10.42 7.93 -7.96
C LYS D 19 -10.47 7.72 -6.45
N LYS D 20 -11.66 7.47 -5.92
CA LYS D 20 -11.82 7.12 -4.51
C LYS D 20 -11.52 5.65 -4.28
N ILE D 21 -10.72 5.36 -3.25
CA ILE D 21 -10.35 3.98 -2.97
C ILE D 21 -10.89 3.52 -1.61
N LYS D 22 -11.05 4.43 -0.67
CA LYS D 22 -11.45 4.05 0.68
C LYS D 22 -12.15 5.22 1.38
N VAL D 23 -13.25 4.92 2.06
CA VAL D 23 -13.92 5.92 2.89
C VAL D 23 -13.15 6.05 4.20
N LEU D 24 -12.90 7.29 4.61
CA LEU D 24 -12.29 7.56 5.91
C LEU D 24 -13.31 7.92 6.97
N GLY D 25 -14.41 8.54 6.59
CA GLY D 25 -15.41 8.99 7.54
C GLY D 25 -16.36 9.97 6.90
N SER D 26 -17.37 10.32 7.68
CA SER D 26 -18.37 11.30 7.27
C SER D 26 -18.70 12.18 8.47
N GLY D 27 -19.05 13.43 8.18
CA GLY D 27 -19.49 14.34 9.22
C GLY D 27 -20.78 15.00 8.79
N ALA D 28 -21.08 16.16 9.36
CA ALA D 28 -22.27 16.88 8.95
C ALA D 28 -22.13 17.55 7.59
N PHE D 29 -20.90 17.66 7.08
CA PHE D 29 -20.60 18.43 5.88
C PHE D 29 -20.33 17.59 4.64
N GLY D 30 -20.31 16.26 4.77
CA GLY D 30 -20.03 15.39 3.65
C GLY D 30 -19.13 14.24 4.03
N THR D 31 -18.69 13.49 3.03
CA THR D 31 -17.89 12.29 3.21
C THR D 31 -16.48 12.52 2.70
N VAL D 32 -15.50 11.99 3.44
CA VAL D 32 -14.08 12.11 3.10
C VAL D 32 -13.58 10.74 2.68
N TYR D 33 -12.94 10.68 1.51
CA TYR D 33 -12.37 9.45 0.99
C TYR D 33 -10.86 9.54 0.96
N LYS D 34 -10.21 8.40 1.17
CA LYS D 34 -8.82 8.24 0.76
C LYS D 34 -8.82 8.00 -0.75
N GLY D 35 -8.00 8.77 -1.46
CA GLY D 35 -8.05 8.76 -2.91
C GLY D 35 -6.66 8.75 -3.53
N LEU D 36 -6.65 8.64 -4.85
CA LEU D 36 -5.43 8.65 -5.64
C LEU D 36 -5.58 9.70 -6.73
N TRP D 37 -4.60 10.59 -6.83
CA TRP D 37 -4.53 11.53 -7.93
C TRP D 37 -3.64 10.95 -9.02
N ILE D 38 -4.18 10.81 -10.22
CA ILE D 38 -3.44 10.26 -11.36
C ILE D 38 -3.21 11.38 -12.36
N PRO D 39 -2.06 12.04 -12.35
CA PRO D 39 -1.82 13.13 -13.31
C PRO D 39 -1.84 12.59 -14.73
N GLU D 40 -2.45 13.37 -15.62
CA GLU D 40 -2.62 12.94 -17.01
C GLU D 40 -1.26 12.70 -17.66
N GLY D 41 -1.13 11.54 -18.31
CA GLY D 41 0.08 11.18 -19.00
C GLY D 41 1.14 10.51 -18.17
N GLU D 42 0.89 10.30 -16.88
CA GLU D 42 1.88 9.70 -15.99
C GLU D 42 1.42 8.32 -15.56
N LYS D 43 2.33 7.59 -14.90
CA LYS D 43 2.06 6.26 -14.39
C LYS D 43 2.00 6.22 -12.87
N VAL D 44 2.12 7.35 -12.20
CA VAL D 44 2.16 7.40 -10.74
C VAL D 44 0.76 7.65 -10.21
N LYS D 45 0.51 7.15 -9.01
CA LYS D 45 -0.74 7.39 -8.28
C LYS D 45 -0.39 8.06 -6.96
N ILE D 46 -0.86 9.28 -6.77
CA ILE D 46 -0.48 10.10 -5.63
C ILE D 46 -1.62 10.09 -4.63
N PRO D 47 -1.39 9.64 -3.40
CA PRO D 47 -2.48 9.62 -2.40
C PRO D 47 -2.96 11.02 -2.07
N VAL D 48 -4.28 11.19 -2.04
CA VAL D 48 -4.93 12.46 -1.70
C VAL D 48 -6.13 12.16 -0.83
N ALA D 49 -6.66 13.22 -0.22
CA ALA D 49 -7.94 13.17 0.46
C ALA D 49 -9.00 13.81 -0.42
N ILE D 50 -10.16 13.15 -0.53
CA ILE D 50 -11.26 13.61 -1.37
C ILE D 50 -12.50 13.74 -0.51
N LYS D 51 -13.11 14.93 -0.54
CA LYS D 51 -14.33 15.19 0.26
C LYS D 51 -15.49 15.53 -0.68
N GLU D 52 -16.57 14.75 -0.63
CA GLU D 52 -17.76 15.02 -1.42
C GLU D 52 -18.78 15.75 -0.55
N LEU D 53 -19.15 16.96 -0.95
CA LEU D 53 -20.06 17.77 -0.15
C LEU D 53 -21.49 17.22 -0.23
N ARG D 54 -22.23 17.59 0.79
CA ARG D 54 -23.59 17.19 0.97
C ARG D 54 -24.65 18.20 0.61
N GLU D 55 -24.31 19.33 0.05
CA GLU D 55 -25.31 20.32 -0.30
C GLU D 55 -26.23 20.80 0.81
N PRO D 59 -28.98 26.92 -0.25
CA PRO D 59 -29.44 27.56 -1.49
C PRO D 59 -28.36 27.91 -2.53
N LYS D 60 -28.13 29.20 -2.81
CA LYS D 60 -27.20 29.68 -3.86
C LYS D 60 -25.95 28.80 -4.04
N ALA D 61 -25.62 28.43 -5.28
CA ALA D 61 -24.49 27.49 -5.45
C ALA D 61 -23.65 27.72 -6.72
N ASN D 62 -22.85 26.70 -7.11
CA ASN D 62 -22.02 26.69 -8.34
C ASN D 62 -20.99 27.81 -8.32
N LYS D 63 -21.35 28.95 -8.87
CA LYS D 63 -20.40 30.06 -8.88
C LYS D 63 -19.99 30.43 -7.47
N GLU D 64 -20.95 30.47 -6.54
CA GLU D 64 -20.63 30.78 -5.16
C GLU D 64 -19.78 29.68 -4.52
N ILE D 65 -20.02 28.42 -4.88
CA ILE D 65 -19.18 27.33 -4.37
C ILE D 65 -17.73 27.53 -4.80
N LEU D 66 -17.51 27.91 -6.06
CA LEU D 66 -16.16 28.06 -6.56
C LEU D 66 -15.47 29.27 -5.95
N ASP D 67 -16.21 30.36 -5.74
CA ASP D 67 -15.64 31.54 -5.14
C ASP D 67 -15.16 31.27 -3.72
N GLU D 68 -15.95 30.52 -2.94
CA GLU D 68 -15.52 30.17 -1.59
C GLU D 68 -14.32 29.22 -1.63
N ALA D 69 -14.30 28.31 -2.59
CA ALA D 69 -13.17 27.39 -2.71
C ALA D 69 -11.87 28.13 -3.00
N TYR D 70 -11.93 29.20 -3.80
CA TYR D 70 -10.74 30.01 -4.06
C TYR D 70 -10.21 30.63 -2.77
N VAL D 71 -11.11 31.04 -1.88
CA VAL D 71 -10.66 31.61 -0.60
C VAL D 71 -9.99 30.54 0.24
N MET D 72 -10.51 29.31 0.21
CA MET D 72 -9.96 28.24 1.02
C MET D 72 -8.64 27.71 0.46
N ALA D 73 -8.37 27.94 -0.82
CA ALA D 73 -7.09 27.58 -1.42
C ALA D 73 -6.02 28.62 -1.19
N SER D 74 -6.38 29.79 -0.67
CA SER D 74 -5.46 30.92 -0.56
C SER D 74 -4.79 31.04 0.79
N VAL D 75 -5.13 30.18 1.76
CA VAL D 75 -4.52 30.27 3.07
C VAL D 75 -3.09 29.72 3.01
N ASP D 76 -2.16 30.41 3.68
CA ASP D 76 -0.75 30.06 3.65
C ASP D 76 -0.18 30.26 5.06
N ASN D 77 -0.24 29.19 5.86
CA ASN D 77 0.23 29.21 7.23
C ASN D 77 0.59 27.79 7.62
N PRO D 78 1.68 27.57 8.37
CA PRO D 78 2.10 26.19 8.68
C PRO D 78 1.09 25.41 9.52
N HIS D 79 0.12 26.06 10.15
CA HIS D 79 -0.83 25.38 11.02
C HIS D 79 -2.25 25.47 10.50
N VAL D 80 -2.42 25.75 9.22
CA VAL D 80 -3.72 25.79 8.57
C VAL D 80 -3.63 24.97 7.29
N CYS D 81 -4.52 23.98 7.16
CA CYS D 81 -4.60 23.22 5.91
C CYS D 81 -5.23 24.08 4.82
N ARG D 82 -4.73 23.95 3.60
CA ARG D 82 -5.29 24.68 2.48
C ARG D 82 -5.93 23.73 1.48
N LEU D 83 -7.06 24.16 0.91
CA LEU D 83 -7.74 23.39 -0.11
C LEU D 83 -6.90 23.38 -1.39
N LEU D 84 -6.73 22.20 -1.97
CA LEU D 84 -5.85 22.01 -3.13
C LEU D 84 -6.57 22.02 -4.47
N GLY D 85 -7.71 21.34 -4.58
CA GLY D 85 -8.39 21.25 -5.85
C GLY D 85 -9.88 21.02 -5.69
N ILE D 86 -10.59 21.09 -6.81
CA ILE D 86 -12.04 20.96 -6.80
C ILE D 86 -12.49 20.37 -8.14
N CYS D 87 -13.51 19.51 -8.08
CA CYS D 87 -14.15 18.94 -9.26
C CYS D 87 -15.65 19.17 -9.16
N LEU D 88 -16.19 19.90 -10.14
CA LEU D 88 -17.60 20.32 -10.12
C LEU D 88 -18.40 19.54 -11.16
N THR D 89 -18.64 18.27 -10.85
CA THR D 89 -19.57 17.44 -11.62
C THR D 89 -20.98 17.65 -11.08
N SER D 90 -21.84 16.63 -11.23
CA SER D 90 -23.15 16.67 -10.60
C SER D 90 -23.03 16.90 -9.10
N THR D 91 -21.99 16.33 -8.47
CA THR D 91 -21.64 16.60 -7.09
C THR D 91 -20.33 17.36 -7.00
N VAL D 92 -20.20 18.16 -5.94
CA VAL D 92 -18.98 18.93 -5.69
C VAL D 92 -17.99 18.04 -4.96
N GLN D 93 -16.77 17.94 -5.49
CA GLN D 93 -15.70 17.17 -4.86
C GLN D 93 -14.46 18.03 -4.69
N LEU D 94 -13.83 17.91 -3.52
CA LEU D 94 -12.68 18.72 -3.15
C LEU D 94 -11.50 17.82 -2.77
N ILE D 95 -10.29 18.30 -3.04
CA ILE D 95 -9.07 17.56 -2.80
C ILE D 95 -8.14 18.37 -1.91
N MET D 96 -7.55 17.71 -0.91
CA MET D 96 -6.53 18.31 -0.05
C MET D 96 -5.48 17.25 0.25
N GLN D 97 -4.45 17.63 1.00
CA GLN D 97 -3.40 16.68 1.35
C GLN D 97 -3.94 15.61 2.29
N LEU D 98 -3.51 14.38 2.07
CA LEU D 98 -3.89 13.27 2.95
C LEU D 98 -2.98 13.24 4.16
N MET D 99 -3.57 13.18 5.35
CA MET D 99 -2.81 13.11 6.60
C MET D 99 -2.88 11.71 7.16
N PRO D 100 -1.85 10.88 6.97
CA PRO D 100 -1.92 9.49 7.45
C PRO D 100 -2.09 9.34 8.95
N PHE D 101 -1.69 10.34 9.75
CA PHE D 101 -1.88 10.23 11.20
C PHE D 101 -3.31 10.47 11.63
N GLY D 102 -4.14 11.07 10.78
CA GLY D 102 -5.52 11.31 11.15
C GLY D 102 -5.68 12.57 11.98
N CYS D 103 -6.84 12.67 12.63
CA CYS D 103 -7.15 13.85 13.41
C CYS D 103 -6.53 13.77 14.80
N LEU D 104 -6.39 14.93 15.45
CA LEU D 104 -5.78 15.00 16.77
C LEU D 104 -6.65 14.34 17.83
N LEU D 105 -7.97 14.34 17.65
CA LEU D 105 -8.85 13.71 18.62
C LEU D 105 -8.56 12.22 18.73
N ASP D 106 -8.58 11.51 17.61
CA ASP D 106 -8.24 10.09 17.62
C ASP D 106 -6.81 9.86 18.09
N TYR D 107 -5.90 10.78 17.78
CA TYR D 107 -4.50 10.60 18.16
C TYR D 107 -4.35 10.61 19.68
N VAL D 108 -4.97 11.58 20.35
CA VAL D 108 -4.79 11.67 21.80
C VAL D 108 -5.49 10.52 22.52
N ARG D 109 -6.62 10.03 21.97
CA ARG D 109 -7.27 8.86 22.56
C ARG D 109 -6.42 7.60 22.43
N GLU D 110 -5.81 7.40 21.25
CA GLU D 110 -5.01 6.19 21.01
C GLU D 110 -3.67 6.23 21.73
N HIS D 111 -3.16 7.41 22.05
CA HIS D 111 -1.88 7.61 22.74
C HIS D 111 -2.11 8.25 24.10
N LYS D 112 -3.10 7.73 24.85
CA LYS D 112 -3.57 8.39 26.06
C LYS D 112 -2.48 8.52 27.13
N ASP D 113 -1.82 7.41 27.50
CA ASP D 113 -0.81 7.46 28.56
C ASP D 113 0.62 7.50 28.02
N ASN D 114 0.81 8.18 26.88
CA ASN D 114 2.12 8.38 26.25
C ASN D 114 2.27 9.83 25.83
N ILE D 115 1.35 10.71 26.24
CA ILE D 115 1.42 12.13 25.85
C ILE D 115 1.84 12.93 27.07
N GLY D 116 2.95 13.63 26.90
CA GLY D 116 3.50 14.51 27.92
C GLY D 116 2.91 15.89 27.81
N SER D 117 3.18 16.71 28.83
CA SER D 117 2.67 18.06 28.84
C SER D 117 3.26 18.91 27.71
N GLN D 118 4.48 18.61 27.26
CA GLN D 118 5.08 19.43 26.22
C GLN D 118 4.35 19.27 24.88
N TYR D 119 3.93 18.05 24.54
CA TYR D 119 3.13 17.87 23.33
C TYR D 119 1.80 18.61 23.44
N LEU D 120 1.10 18.40 24.56
CA LEU D 120 -0.22 19.01 24.73
C LEU D 120 -0.15 20.53 24.63
N LEU D 121 0.85 21.13 25.30
CA LEU D 121 0.95 22.58 25.29
C LEU D 121 1.38 23.13 23.93
N ASN D 122 2.25 22.41 23.22
CA ASN D 122 2.63 22.86 21.89
C ASN D 122 1.47 22.78 20.90
N TRP D 123 0.65 21.73 21.02
CA TRP D 123 -0.55 21.65 20.19
C TRP D 123 -1.46 22.85 20.43
N CYS D 124 -1.60 23.28 21.69
CA CYS D 124 -2.41 24.45 21.97
C CYS D 124 -1.82 25.70 21.33
N VAL D 125 -0.49 25.82 21.33
CA VAL D 125 0.16 26.94 20.66
C VAL D 125 -0.09 26.90 19.17
N GLN D 126 0.09 25.73 18.55
CA GLN D 126 -0.05 25.62 17.11
C GLN D 126 -1.50 25.86 16.68
N ILE D 127 -2.47 25.31 17.41
CA ILE D 127 -3.87 25.55 17.09
C ILE D 127 -4.20 27.04 17.21
N ALA D 128 -3.68 27.69 18.25
CA ALA D 128 -3.93 29.12 18.42
C ALA D 128 -3.25 29.94 17.33
N LYS D 129 -2.07 29.51 16.90
CA LYS D 129 -1.41 30.18 15.77
C LYS D 129 -2.26 30.06 14.51
N GLY D 130 -2.76 28.85 14.24
CA GLY D 130 -3.60 28.66 13.07
C GLY D 130 -4.89 29.46 13.12
N MET D 131 -5.51 29.53 14.31
CA MET D 131 -6.74 30.30 14.44
C MET D 131 -6.48 31.80 14.34
N ASN D 132 -5.36 32.26 14.88
CA ASN D 132 -4.99 33.67 14.73
C ASN D 132 -4.81 34.03 13.25
N TYR D 133 -4.20 33.14 12.47
CA TYR D 133 -4.05 33.41 11.04
C TYR D 133 -5.39 33.53 10.35
N LEU D 134 -6.33 32.62 10.67
CA LEU D 134 -7.66 32.68 10.06
C LEU D 134 -8.34 34.00 10.40
N GLU D 135 -8.21 34.46 11.65
CA GLU D 135 -8.77 35.75 12.03
C GLU D 135 -8.12 36.88 11.26
N ASP D 136 -6.79 36.82 11.08
CA ASP D 136 -6.10 37.83 10.29
C ASP D 136 -6.60 37.84 8.85
N ARG D 137 -6.95 36.67 8.31
CA ARG D 137 -7.57 36.57 7.00
C ARG D 137 -9.09 36.79 7.06
N ARG D 138 -9.63 37.13 8.24
CA ARG D 138 -11.09 37.41 8.38
C ARG D 138 -11.94 36.19 8.05
N LEU D 139 -11.46 34.98 8.38
CA LEU D 139 -12.22 33.76 8.19
C LEU D 139 -12.67 33.24 9.54
N VAL D 140 -13.96 33.02 9.69
CA VAL D 140 -14.52 32.43 10.89
C VAL D 140 -14.65 30.94 10.64
N HIS D 141 -14.13 30.12 11.56
CA HIS D 141 -14.12 28.69 11.34
C HIS D 141 -15.53 28.11 11.46
N ARG D 142 -16.17 28.31 12.61
CA ARG D 142 -17.52 27.89 12.96
C ARG D 142 -17.59 26.40 13.30
N ASP D 143 -16.50 25.65 13.15
CA ASP D 143 -16.52 24.23 13.49
C ASP D 143 -15.17 23.79 14.02
N LEU D 144 -14.56 24.61 14.87
CA LEU D 144 -13.30 24.23 15.51
C LEU D 144 -13.56 23.16 16.57
N ALA D 145 -12.81 22.08 16.49
CA ALA D 145 -12.87 20.99 17.45
C ALA D 145 -11.63 20.14 17.26
N ALA D 146 -11.35 19.29 18.25
CA ALA D 146 -10.15 18.46 18.18
C ALA D 146 -10.22 17.51 17.00
N ARG D 147 -11.43 17.13 16.57
CA ARG D 147 -11.61 16.31 15.39
C ARG D 147 -11.26 17.05 14.11
N ASN D 148 -11.31 18.38 14.11
CA ASN D 148 -10.97 19.19 12.94
C ASN D 148 -9.56 19.78 13.05
N VAL D 149 -8.70 19.14 13.81
CA VAL D 149 -7.26 19.42 13.83
C VAL D 149 -6.57 18.15 13.34
N LEU D 150 -5.85 18.27 12.23
CA LEU D 150 -5.19 17.12 11.62
C LEU D 150 -3.75 17.04 12.08
N VAL D 151 -3.25 15.82 12.20
CA VAL D 151 -1.88 15.55 12.64
C VAL D 151 -1.03 15.34 11.39
N LYS D 152 -0.21 16.32 11.05
CA LYS D 152 0.78 16.14 9.99
C LYS D 152 1.90 15.24 10.47
N THR D 153 2.54 15.61 11.56
CA THR D 153 3.38 14.75 12.37
C THR D 153 2.92 14.94 13.81
N PRO D 154 3.33 14.06 14.73
CA PRO D 154 3.00 14.28 16.14
C PRO D 154 3.45 15.64 16.65
N GLN D 155 4.45 16.22 15.98
CA GLN D 155 5.01 17.51 16.36
C GLN D 155 4.40 18.68 15.59
N HIS D 156 3.45 18.42 14.69
CA HIS D 156 2.98 19.45 13.77
C HIS D 156 1.51 19.18 13.46
N VAL D 157 0.62 20.02 13.99
CA VAL D 157 -0.80 19.87 13.75
C VAL D 157 -1.29 21.05 12.93
N LYS D 158 -2.42 20.86 12.26
CA LYS D 158 -2.97 21.85 11.35
C LYS D 158 -4.48 21.86 11.46
N ILE D 159 -5.06 23.05 11.38
CA ILE D 159 -6.51 23.23 11.42
C ILE D 159 -7.08 22.98 10.03
N THR D 160 -8.24 22.32 9.98
CA THR D 160 -8.91 22.03 8.72
C THR D 160 -10.39 22.37 8.84
N ASP D 161 -11.10 22.22 7.72
CA ASP D 161 -12.56 22.30 7.64
C ASP D 161 -13.11 23.68 7.96
N PHE D 162 -12.29 24.73 7.90
CA PHE D 162 -12.77 26.07 8.21
C PHE D 162 -13.58 26.63 7.05
N GLY D 163 -14.60 27.41 7.40
CA GLY D 163 -15.47 28.03 6.43
C GLY D 163 -16.45 27.07 5.79
N LEU D 164 -16.37 25.79 6.14
CA LEU D 164 -17.28 24.78 5.62
C LEU D 164 -18.44 24.61 6.59
N ALA D 165 -19.14 25.72 6.81
CA ALA D 165 -20.31 25.74 7.68
C ALA D 165 -21.18 26.89 7.23
N LYS D 166 -20.54 28.01 6.93
CA LYS D 166 -21.21 29.13 6.29
C LYS D 166 -21.57 28.80 4.84
N LEU D 167 -20.67 28.11 4.14
CA LEU D 167 -20.93 27.75 2.75
C LEU D 167 -22.13 26.81 2.65
N LEU D 168 -22.18 25.81 3.51
CA LEU D 168 -23.28 24.85 3.51
C LEU D 168 -24.32 25.28 4.53
N GLY D 169 -25.27 24.39 4.85
CA GLY D 169 -26.34 24.69 5.76
C GLY D 169 -26.05 24.26 7.18
N ALA D 170 -27.08 24.36 8.03
CA ALA D 170 -27.01 24.02 9.44
C ALA D 170 -25.96 24.86 10.18
N VAL D 182 -25.43 19.91 13.99
CA VAL D 182 -24.61 21.01 14.50
C VAL D 182 -23.87 20.61 15.76
N PRO D 183 -22.60 21.04 15.86
CA PRO D 183 -21.76 20.71 17.04
C PRO D 183 -22.10 21.62 18.23
N ILE D 184 -23.27 21.38 18.81
CA ILE D 184 -23.79 22.24 19.87
C ILE D 184 -22.80 22.37 21.01
N LYS D 185 -22.15 21.27 21.39
CA LYS D 185 -21.27 21.24 22.55
C LYS D 185 -19.93 21.93 22.31
N TRP D 186 -19.67 22.43 21.10
CA TRP D 186 -18.49 23.23 20.83
C TRP D 186 -18.82 24.69 20.56
N MET D 187 -20.09 25.05 20.53
CA MET D 187 -20.52 26.37 20.07
C MET D 187 -20.64 27.34 21.23
N ALA D 188 -20.33 28.61 20.96
CA ALA D 188 -20.58 29.66 21.92
C ALA D 188 -22.09 29.85 22.11
N LEU D 189 -22.45 30.40 23.27
CA LEU D 189 -23.86 30.59 23.59
C LEU D 189 -24.55 31.48 22.56
N GLU D 190 -23.90 32.56 22.12
CA GLU D 190 -24.51 33.43 21.12
C GLU D 190 -24.71 32.70 19.79
N SER D 191 -23.87 31.71 19.49
CA SER D 191 -24.08 30.91 18.29
C SER D 191 -25.26 29.97 18.44
N ILE D 192 -25.44 29.39 19.64
CA ILE D 192 -26.57 28.50 19.87
C ILE D 192 -27.89 29.26 19.79
N LEU D 193 -27.94 30.45 20.39
CA LEU D 193 -29.20 31.18 20.54
C LEU D 193 -29.54 32.01 19.30
N HIS D 194 -28.54 32.65 18.68
CA HIS D 194 -28.81 33.61 17.61
C HIS D 194 -28.04 33.34 16.33
N ARG D 195 -27.36 32.19 16.22
CA ARG D 195 -26.53 31.87 15.06
C ARG D 195 -25.48 32.96 14.80
N ILE D 196 -24.96 33.56 15.86
CA ILE D 196 -23.90 34.56 15.72
C ILE D 196 -22.56 33.83 15.72
N TYR D 197 -21.79 34.02 14.67
CA TYR D 197 -20.48 33.40 14.54
C TYR D 197 -19.45 34.51 14.30
N THR D 198 -18.48 34.61 15.20
CA THR D 198 -17.39 35.55 15.07
C THR D 198 -16.10 34.83 15.43
N HIS D 199 -14.99 35.56 15.38
CA HIS D 199 -13.73 35.02 15.86
C HIS D 199 -13.78 34.77 17.37
N GLN D 200 -14.59 35.53 18.10
CA GLN D 200 -14.72 35.33 19.53
C GLN D 200 -15.53 34.08 19.86
N SER D 201 -16.48 33.71 18.98
CA SER D 201 -17.14 32.43 19.15
C SER D 201 -16.22 31.27 18.80
N ASP D 202 -15.28 31.49 17.87
CA ASP D 202 -14.23 30.50 17.64
C ASP D 202 -13.35 30.33 18.87
N VAL D 203 -13.13 31.41 19.62
CA VAL D 203 -12.35 31.31 20.85
C VAL D 203 -13.04 30.39 21.84
N TRP D 204 -14.37 30.46 21.91
CA TRP D 204 -15.11 29.51 22.72
C TRP D 204 -14.82 28.08 22.29
N SER D 205 -14.93 27.80 20.99
CA SER D 205 -14.66 26.46 20.48
C SER D 205 -13.22 26.05 20.73
N TYR D 206 -12.28 27.00 20.66
CA TYR D 206 -10.90 26.70 21.01
C TYR D 206 -10.78 26.22 22.45
N GLY D 207 -11.53 26.83 23.36
CA GLY D 207 -11.50 26.39 24.75
C GLY D 207 -11.97 24.96 24.93
N VAL D 208 -13.04 24.58 24.22
CA VAL D 208 -13.49 23.19 24.27
C VAL D 208 -12.45 22.26 23.67
N THR D 209 -11.83 22.69 22.56
CA THR D 209 -10.80 21.87 21.92
C THR D 209 -9.64 21.60 22.87
N VAL D 210 -9.19 22.64 23.59
CA VAL D 210 -8.15 22.45 24.60
C VAL D 210 -8.63 21.49 25.69
N TRP D 211 -9.90 21.61 26.09
CA TRP D 211 -10.46 20.69 27.08
C TRP D 211 -10.42 19.26 26.57
N GLU D 212 -10.75 19.04 25.29
CA GLU D 212 -10.63 17.72 24.70
C GLU D 212 -9.22 17.18 24.83
N LEU D 213 -8.22 18.02 24.52
CA LEU D 213 -6.83 17.58 24.57
C LEU D 213 -6.40 17.25 25.99
N MET D 214 -6.74 18.12 26.95
CA MET D 214 -6.32 17.93 28.33
C MET D 214 -7.01 16.73 28.97
N THR D 215 -8.18 16.34 28.48
CA THR D 215 -8.85 15.13 28.93
C THR D 215 -8.49 13.92 28.08
N PHE D 216 -7.54 14.07 27.17
CA PHE D 216 -7.12 12.99 26.27
C PHE D 216 -8.29 12.50 25.42
N GLY D 217 -9.14 13.42 25.00
CA GLY D 217 -10.20 13.10 24.05
C GLY D 217 -11.54 12.72 24.66
N SER D 218 -11.82 13.13 25.89
CA SER D 218 -13.13 12.87 26.47
C SER D 218 -14.22 13.61 25.71
N LYS D 219 -15.43 13.08 25.79
CA LYS D 219 -16.57 13.71 25.14
C LYS D 219 -17.08 14.85 26.00
N PRO D 220 -17.18 16.07 25.47
CA PRO D 220 -17.65 17.19 26.30
C PRO D 220 -19.14 17.04 26.62
N TYR D 221 -19.49 17.36 27.86
CA TYR D 221 -20.87 17.24 28.35
C TYR D 221 -21.44 15.86 28.08
N ASP D 222 -20.65 14.84 28.39
CA ASP D 222 -21.06 13.47 28.08
C ASP D 222 -22.28 13.10 28.91
N GLY D 223 -23.32 12.60 28.25
CA GLY D 223 -24.56 12.26 28.90
C GLY D 223 -25.57 13.39 28.97
N ILE D 224 -25.18 14.61 28.62
CA ILE D 224 -26.11 15.75 28.64
C ILE D 224 -26.71 15.92 27.26
N PRO D 225 -28.04 15.98 27.12
CA PRO D 225 -28.64 16.20 25.81
C PRO D 225 -28.28 17.57 25.26
N ALA D 226 -28.16 17.63 23.92
CA ALA D 226 -27.83 18.88 23.27
C ALA D 226 -28.88 19.95 23.51
N SER D 227 -30.15 19.56 23.64
CA SER D 227 -31.21 20.53 23.89
C SER D 227 -31.03 21.28 25.21
N GLU D 228 -30.30 20.70 26.16
CA GLU D 228 -30.10 21.28 27.48
C GLU D 228 -28.81 22.08 27.60
N ILE D 229 -28.01 22.16 26.55
CA ILE D 229 -26.70 22.79 26.66
C ILE D 229 -26.84 24.28 26.92
N SER D 230 -27.71 24.95 26.14
CA SER D 230 -27.90 26.38 26.33
C SER D 230 -28.42 26.71 27.73
N SER D 231 -29.21 25.81 28.31
CA SER D 231 -29.76 26.08 29.64
C SER D 231 -28.69 25.99 30.71
N ILE D 232 -27.87 24.92 30.68
CA ILE D 232 -26.86 24.76 31.72
C ILE D 232 -25.78 25.84 31.58
N LEU D 233 -25.53 26.31 30.36
CA LEU D 233 -24.54 27.38 30.18
C LEU D 233 -25.04 28.69 30.77
N GLU D 234 -26.32 29.00 30.57
CA GLU D 234 -26.87 30.22 31.16
C GLU D 234 -26.89 30.17 32.68
N LYS D 235 -26.97 28.96 33.25
CA LYS D 235 -26.90 28.79 34.69
C LYS D 235 -25.48 28.92 35.23
N GLY D 236 -24.50 29.11 34.37
CA GLY D 236 -23.12 29.22 34.80
C GLY D 236 -22.35 27.93 34.85
N GLU D 237 -22.93 26.83 34.39
CA GLU D 237 -22.23 25.55 34.38
C GLU D 237 -21.27 25.50 33.20
N ARG D 238 -20.07 24.96 33.45
CA ARG D 238 -19.05 24.83 32.42
C ARG D 238 -18.42 23.45 32.52
N LEU D 239 -17.59 23.14 31.53
CA LEU D 239 -16.88 21.86 31.54
C LEU D 239 -15.97 21.79 32.76
N PRO D 240 -15.83 20.63 33.38
CA PRO D 240 -15.07 20.54 34.63
C PRO D 240 -13.57 20.56 34.39
N GLN D 241 -12.85 20.88 35.45
CA GLN D 241 -11.39 20.95 35.38
C GLN D 241 -10.79 19.57 35.13
N PRO D 242 -10.00 19.40 34.07
CA PRO D 242 -9.33 18.11 33.84
C PRO D 242 -8.34 17.81 34.94
N PRO D 243 -8.24 16.54 35.35
CA PRO D 243 -7.35 16.20 36.49
C PRO D 243 -5.89 16.58 36.29
N ILE D 244 -5.39 16.69 35.05
CA ILE D 244 -3.99 17.04 34.85
C ILE D 244 -3.73 18.55 34.83
N CYS D 245 -4.78 19.37 34.76
CA CYS D 245 -4.62 20.80 34.59
C CYS D 245 -4.41 21.50 35.92
N THR D 246 -3.41 22.37 35.99
CA THR D 246 -3.33 23.34 37.06
C THR D 246 -4.39 24.41 36.87
N ILE D 247 -4.57 25.24 37.91
CA ILE D 247 -5.62 26.26 37.85
C ILE D 247 -5.32 27.32 36.79
N ASP D 248 -4.03 27.57 36.50
CA ASP D 248 -3.70 28.54 35.46
C ASP D 248 -4.25 28.12 34.10
N VAL D 249 -4.17 26.83 33.78
CA VAL D 249 -4.63 26.37 32.47
C VAL D 249 -6.15 26.36 32.43
N TYR D 250 -6.80 25.91 33.50
CA TYR D 250 -8.26 25.87 33.52
C TYR D 250 -8.86 27.28 33.47
N MET D 251 -8.22 28.25 34.11
CA MET D 251 -8.72 29.62 34.06
C MET D 251 -8.74 30.17 32.64
N ILE D 252 -7.72 29.84 31.85
CA ILE D 252 -7.70 30.27 30.45
C ILE D 252 -8.87 29.64 29.71
N MET D 253 -9.09 28.33 29.93
CA MET D 253 -10.25 27.66 29.33
C MET D 253 -11.55 28.30 29.78
N ARG D 254 -11.66 28.65 31.07
CA ARG D 254 -12.88 29.27 31.56
C ARG D 254 -13.09 30.65 30.96
N LYS D 255 -12.01 31.42 30.76
CA LYS D 255 -12.14 32.73 30.13
C LYS D 255 -12.67 32.61 28.71
N CYS D 256 -12.36 31.50 28.02
CA CYS D 256 -12.87 31.29 26.67
C CYS D 256 -14.39 31.08 26.65
N TRP D 257 -14.98 30.70 27.79
CA TRP D 257 -16.40 30.37 27.85
C TRP D 257 -17.21 31.43 28.60
N MET D 258 -16.72 32.67 28.63
CA MET D 258 -17.49 33.74 29.23
C MET D 258 -18.63 34.16 28.30
N ILE D 259 -19.75 34.54 28.92
CA ILE D 259 -20.92 34.94 28.14
C ILE D 259 -20.60 36.14 27.26
N ASP D 260 -19.89 37.13 27.82
CA ASP D 260 -19.49 38.30 27.05
C ASP D 260 -18.36 37.93 26.10
N ALA D 261 -18.66 37.88 24.80
CA ALA D 261 -17.69 37.45 23.82
C ALA D 261 -16.44 38.31 23.82
N ASP D 262 -16.59 39.62 24.09
CA ASP D 262 -15.44 40.51 24.11
C ASP D 262 -14.60 40.39 25.36
N SER D 263 -15.06 39.65 26.36
CA SER D 263 -14.23 39.38 27.53
C SER D 263 -13.37 38.14 27.34
N ARG D 264 -13.69 37.30 26.36
CA ARG D 264 -12.89 36.14 26.08
C ARG D 264 -11.52 36.57 25.54
N PRO D 265 -10.48 35.78 25.76
CA PRO D 265 -9.16 36.13 25.23
C PRO D 265 -9.18 36.18 23.71
N LYS D 266 -8.19 36.88 23.15
CA LYS D 266 -7.94 36.86 21.72
C LYS D 266 -6.92 35.77 21.39
N PHE D 267 -6.99 35.26 20.17
CA PHE D 267 -6.10 34.18 19.77
C PHE D 267 -4.64 34.60 19.90
N ARG D 268 -4.32 35.87 19.60
CA ARG D 268 -2.93 36.30 19.74
C ARG D 268 -2.50 36.27 21.21
N GLU D 269 -3.43 36.54 22.13
CA GLU D 269 -3.12 36.41 23.56
C GLU D 269 -2.95 34.96 23.96
N LEU D 270 -3.77 34.06 23.39
CA LEU D 270 -3.64 32.64 23.70
C LEU D 270 -2.30 32.08 23.23
N ILE D 271 -1.81 32.55 22.08
CA ILE D 271 -0.49 32.15 21.60
C ILE D 271 0.57 32.47 22.64
N ILE D 272 0.55 33.69 23.17
CA ILE D 272 1.58 34.12 24.11
C ILE D 272 1.52 33.33 25.40
N GLU D 273 0.31 33.13 25.95
CA GLU D 273 0.19 32.48 27.24
C GLU D 273 0.56 31.00 27.16
N PHE D 274 0.10 30.29 26.14
CA PHE D 274 0.46 28.88 26.01
C PHE D 274 1.92 28.72 25.62
N SER D 275 2.49 29.70 24.89
CA SER D 275 3.92 29.67 24.63
C SER D 275 4.71 29.78 25.92
N LYS D 276 4.31 30.71 26.80
CA LYS D 276 4.97 30.85 28.10
C LYS D 276 4.86 29.58 28.92
N MET D 277 3.68 28.92 28.88
CA MET D 277 3.53 27.67 29.61
C MET D 277 4.38 26.56 29.01
N ALA D 278 4.58 26.58 27.69
CA ALA D 278 5.34 25.51 27.04
C ALA D 278 6.82 25.50 27.42
N ARG D 279 7.38 26.63 27.84
CA ARG D 279 8.78 26.63 28.28
C ARG D 279 8.95 26.10 29.70
N ASP D 280 7.86 25.82 30.41
CA ASP D 280 7.92 25.17 31.72
C ASP D 280 6.71 24.26 31.86
N PRO D 281 6.64 23.20 31.05
CA PRO D 281 5.38 22.44 30.93
C PRO D 281 4.96 21.73 32.20
N GLN D 282 5.92 21.22 32.99
CA GLN D 282 5.56 20.49 34.20
C GLN D 282 5.04 21.39 35.30
N ARG D 283 5.19 22.70 35.16
CA ARG D 283 4.63 23.63 36.13
C ARG D 283 3.13 23.85 35.91
N TYR D 284 2.62 23.55 34.72
CA TYR D 284 1.24 23.84 34.38
C TYR D 284 0.38 22.62 34.10
N LEU D 285 0.98 21.45 33.81
CA LEU D 285 0.25 20.20 33.69
C LEU D 285 0.94 19.15 34.55
N VAL D 286 0.15 18.39 35.32
CA VAL D 286 0.67 17.36 36.20
C VAL D 286 0.32 16.01 35.57
N ILE D 287 1.33 15.37 35.00
CA ILE D 287 1.19 14.09 34.30
C ILE D 287 2.17 13.12 34.94
N GLN D 288 1.69 11.90 35.22
CA GLN D 288 2.48 10.94 35.99
C GLN D 288 3.81 10.62 35.31
N GLY D 289 3.77 10.01 34.12
CA GLY D 289 5.01 9.61 33.46
C GLY D 289 5.72 10.76 32.76
N ASP D 290 5.43 12.01 33.15
CA ASP D 290 6.15 13.18 32.57
C ASP D 290 7.63 13.09 32.90
N GLU D 291 8.47 13.96 32.31
CA GLU D 291 9.95 13.89 32.47
C GLU D 291 10.46 12.73 31.61
N ARG D 292 9.97 11.51 31.85
CA ARG D 292 10.31 10.37 30.95
C ARG D 292 9.76 10.75 29.58
N MET D 293 8.78 11.63 29.53
CA MET D 293 8.21 12.09 28.23
C MET D 293 8.82 13.43 27.85
N HIS D 294 9.37 13.54 26.63
CA HIS D 294 10.02 14.79 26.16
C HIS D 294 9.67 14.99 24.69
N LEU D 295 10.19 16.04 24.06
CA LEU D 295 9.94 16.20 22.61
C LEU D 295 10.96 15.29 21.88
N PRO D 296 10.81 14.91 20.59
CA PRO D 296 11.83 14.07 19.96
C PRO D 296 13.17 14.76 19.91
N SER D 297 14.20 13.95 19.72
CA SER D 297 15.54 14.47 19.61
C SER D 297 15.70 15.14 18.25
N PRO D 298 16.70 15.99 18.10
CA PRO D 298 16.98 16.54 16.76
C PRO D 298 17.13 15.47 15.69
N THR D 299 17.66 14.30 16.04
CA THR D 299 17.78 13.22 15.06
C THR D 299 16.41 12.76 14.59
N ASP D 300 15.51 12.47 15.53
CA ASP D 300 14.17 12.02 15.15
C ASP D 300 13.37 13.11 14.46
N SER D 301 13.60 14.37 14.85
CA SER D 301 12.85 15.47 14.24
C SER D 301 13.29 15.70 12.80
N ASN D 302 14.60 15.62 12.54
CA ASN D 302 15.09 15.71 11.17
C ASN D 302 14.55 14.57 10.32
N PHE D 303 14.51 13.37 10.88
CA PHE D 303 14.02 12.20 10.14
C PHE D 303 12.55 12.38 9.78
N TYR D 304 11.73 12.81 10.75
CA TYR D 304 10.31 13.07 10.48
C TYR D 304 10.13 14.12 9.39
N ARG D 305 10.88 15.22 9.46
CA ARG D 305 10.65 16.32 8.52
C ARG D 305 11.07 15.95 7.10
N ALA D 306 12.24 15.32 6.96
CA ALA D 306 12.74 14.93 5.66
C ALA D 306 11.82 13.92 4.98
N LEU D 307 11.12 13.10 5.77
CA LEU D 307 10.31 12.03 5.22
C LEU D 307 8.91 12.50 4.83
N MET D 308 8.24 13.27 5.69
CA MET D 308 6.85 13.59 5.43
C MET D 308 6.43 15.01 5.81
N ASP D 309 7.38 15.89 6.20
CA ASP D 309 6.98 17.23 6.63
C ASP D 309 8.11 18.20 6.28
N GLU D 310 8.23 18.52 5.00
CA GLU D 310 9.30 19.39 4.52
C GLU D 310 8.93 20.85 4.50
N GLU D 311 7.70 21.20 4.85
CA GLU D 311 7.27 22.59 4.74
C GLU D 311 7.89 23.44 5.85
N ASP D 312 8.03 24.73 5.57
CA ASP D 312 8.55 25.66 6.55
C ASP D 312 7.56 25.83 7.69
N MET D 313 8.05 25.71 8.91
CA MET D 313 7.23 25.86 10.12
C MET D 313 8.10 26.29 11.28
N ASP D 314 7.59 27.19 12.12
CA ASP D 314 8.29 27.66 13.32
C ASP D 314 8.38 26.45 14.22
N ASP D 315 9.49 26.18 14.87
CA ASP D 315 9.54 24.99 15.72
C ASP D 315 8.78 24.99 17.04
N VAL D 316 8.98 23.92 17.77
CA VAL D 316 8.31 23.70 19.02
C VAL D 316 8.97 24.48 20.16
N VAL D 317 8.18 24.93 21.10
CA VAL D 317 8.68 25.68 22.23
C VAL D 317 9.24 24.68 23.19
N ASP D 318 10.48 24.87 23.54
CA ASP D 318 11.12 23.86 24.36
C ASP D 318 11.09 24.24 25.84
N ALA D 319 11.27 23.24 26.69
CA ALA D 319 11.23 23.45 28.13
C ALA D 319 12.53 24.12 28.59
C10 Q6K E . 5.07 -28.96 -9.34
N12 Q6K E . 2.56 -28.38 -9.51
C13 Q6K E . 1.35 -27.64 -9.07
C15 Q6K E . -0.11 -28.90 -10.76
C20 Q6K E . -0.61 -31.10 -12.83
C22 Q6K E . 0.06 -33.24 -14.05
C24 Q6K E . -2.12 -32.98 -15.77
C26 Q6K E . -2.20 -30.74 -16.67
C28 Q6K E . 0.68 -30.26 -12.93
C01 Q6K E . 8.64 -29.57 -9.72
C03 Q6K E . 6.37 -30.48 -10.33
C04 Q6K E . 5.05 -30.11 -10.09
C05 Q6K E . 3.86 -30.98 -10.67
C06 Q6K E . 4.16 -32.22 -11.48
C07 Q6K E . 5.58 -32.61 -11.73
C08 Q6K E . 6.70 -31.77 -11.17
C09 Q6K E . 6.39 -28.62 -9.11
C11 Q6K E . 3.83 -28.19 -8.84
C16 Q6K E . -1.37 -29.74 -10.70
C18 Q6K E . -3.54 -30.17 -9.88
C19 Q6K E . -1.61 -30.84 -11.73
C23 Q6K E . -2.20 -32.18 -14.46
C27 Q6K E . -1.58 -32.57 -18.06
C30 Q6K E . 2.94 -29.93 -14.17
C31 Q6K E . 3.79 -30.37 -15.36
C32 Q6K E . 4.38 -29.15 -16.06
C34 Q6K E . 0.91 -29.15 -11.88
C36 Q6K E . 2.73 -26.47 -7.27
C37 Q6K E . 3.95 -27.22 -7.72
N02 Q6K E . 7.18 -29.56 -9.72
N14 Q6K E . 0.08 -27.85 -9.75
N21 Q6K E . -0.91 -32.18 -13.79
N25 Q6K E . -2.43 -32.15 -16.94
N29 Q6K E . 1.63 -30.52 -14.00
N35 Q6K E . 1.46 -26.68 -7.95
O17 Q6K E . -2.31 -29.52 -9.69
O33 Q6K E . 3.37 -29.12 -13.41
C10 NQ1 F . 13.35 -26.19 -4.30
C11 NQ1 F . 14.01 -26.90 -3.27
C12 NQ1 F . 15.17 -26.35 -2.71
C13 NQ1 F . 15.67 -25.12 -3.15
C14 NQ1 F . 15.03 -24.44 -4.18
C15 NQ1 F . 12.09 -26.82 -4.93
C01 NQ1 F . 9.47 -24.05 -5.22
C02 NQ1 F . 9.29 -22.66 -5.24
C04 NQ1 F . 10.37 -21.80 -5.43
C05 NQ1 F . 11.66 -22.31 -5.64
C06 NQ1 F . 11.83 -23.73 -5.63
C07 NQ1 F . 10.78 -24.58 -5.42
C09 NQ1 F . 13.86 -25.01 -4.76
C18 NQ1 F . 9.89 -26.80 -6.02
C19 NQ1 F . 8.87 -27.37 -5.04
C20 NQ1 F . 8.94 -27.14 -3.68
C21 NQ1 F . 7.98 -27.68 -2.84
C22 NQ1 F . 6.96 -28.46 -3.34
C23 NQ1 F . 6.88 -28.70 -4.71
C24 NQ1 F . 7.83 -28.16 -5.56
F03 NQ1 F . 8.04 -22.16 -5.05
N08 NQ1 F . 13.20 -24.23 -5.82
N17 NQ1 F . 10.97 -26.04 -5.41
O16 NQ1 F . 12.05 -28.01 -5.05
C10 NQ1 G . 24.78 5.66 -0.76
C11 NQ1 G . 25.32 4.68 0.10
C12 NQ1 G . 26.54 4.92 0.75
C13 NQ1 G . 27.22 6.13 0.53
C14 NQ1 G . 26.68 7.08 -0.33
C15 NQ1 G . 23.42 5.32 -1.46
C01 NQ1 G . 21.24 8.45 -1.29
C02 NQ1 G . 21.24 9.83 -1.08
C04 NQ1 G . 22.44 10.57 -1.11
C05 NQ1 G . 23.65 9.92 -1.37
C06 NQ1 G . 23.63 8.52 -1.60
C07 NQ1 G . 22.47 7.79 -1.55
C09 NQ1 G . 25.45 6.82 -0.98
C18 NQ1 G . 21.26 5.87 -2.48
C19 NQ1 G . 20.18 5.24 -1.59
C20 NQ1 G . 20.21 5.36 -0.23
C21 NQ1 G . 19.21 4.78 0.54
C22 NQ1 G . 18.18 4.09 -0.08
C23 NQ1 G . 18.15 3.97 -1.46
C24 NQ1 G . 19.16 4.54 -2.21
F03 NQ1 G . 20.06 10.47 -0.82
N08 NQ1 G . 24.94 7.88 -1.86
N17 NQ1 G . 22.44 6.34 -1.79
O16 NQ1 G . 23.19 4.20 -1.77
C10 Q6K H . 16.87 4.27 -6.28
N12 Q6K H . 14.39 4.92 -6.44
C13 Q6K H . 13.19 5.70 -6.00
C15 Q6K H . 11.69 4.75 -7.89
C20 Q6K H . 11.17 3.09 -10.42
C22 Q6K H . 11.20 0.88 -11.63
C24 Q6K H . 8.93 2.63 -12.95
C26 Q6K H . 7.86 1.88 -14.91
C28 Q6K H . 12.60 3.53 -10.11
C01 Q6K H . 20.42 3.50 -6.56
C03 Q6K H . 18.16 2.77 -7.35
C04 Q6K H . 16.83 3.19 -7.13
C05 Q6K H . 15.65 2.42 -7.83
C06 Q6K H . 15.95 1.25 -8.75
C07 Q6K H . 17.36 0.81 -8.96
C08 Q6K H . 18.48 1.55 -8.28
C09 Q6K H . 18.21 4.52 -5.96
C11 Q6K H . 15.66 5.08 -5.77
C16 Q6K H . 10.27 4.28 -8.23
C18 Q6K H . 8.28 3.60 -7.18
C19 Q6K H . 10.01 3.46 -9.49
C23 Q6K H . 10.43 2.94 -12.84
C27 Q6K H . 7.40 4.05 -14.05
C30 Q6K H . 15.02 3.56 -11.16
C31 Q6K H . 15.70 4.57 -10.25
C32 Q6K H . 17.22 4.40 -10.33
C34 Q6K H . 12.84 4.37 -8.82
C36 Q6K H . 14.61 6.82 -4.19
C37 Q6K H . 15.81 6.03 -4.64
N02 Q6K H . 18.98 3.60 -6.62
N14 Q6K H . 11.89 5.54 -6.67
N21 Q6K H . 10.93 2.30 -11.63
N25 Q6K H . 8.43 3.05 -14.25
N29 Q6K H . 13.63 3.13 -11.04
N35 Q6K H . 13.32 6.65 -4.86
O17 Q6K H . 9.22 4.63 -7.38
O33 Q6K H . 15.68 3.08 -12.02
MG MG I . -13.78 17.62 9.90
PG ANP J . -17.02 17.60 11.14
O1G ANP J . -15.83 17.97 10.31
O2G ANP J . -18.28 17.46 10.19
O3G ANP J . -17.30 18.73 12.21
PB ANP J . -15.56 15.20 11.23
O1B ANP J . -14.28 15.96 11.14
O2B ANP J . -15.31 13.94 12.12
N3B ANP J . -16.75 16.14 11.95
PA ANP J . -15.19 15.01 8.50
O1A ANP J . -16.01 14.81 7.29
O2A ANP J . -14.62 16.43 8.61
O3A ANP J . -16.04 14.74 9.82
O5' ANP J . -14.04 13.94 8.52
C5' ANP J . -14.27 12.57 8.13
C4' ANP J . -13.09 11.73 8.54
O4' ANP J . -12.00 11.93 7.61
C3' ANP J . -12.53 12.02 9.93
O3' ANP J . -12.18 10.82 10.60
C2' ANP J . -11.30 12.89 9.64
O2' ANP J . -10.29 12.72 10.63
C1' ANP J . -10.84 12.31 8.30
N9 ANP J . -10.11 13.28 7.48
C8 ANP J . -10.55 14.49 7.03
N7 ANP J . -9.68 15.14 6.29
C5 ANP J . -8.58 14.28 6.25
C6 ANP J . -7.33 14.40 5.62
N6 ANP J . -6.95 15.45 4.90
N1 ANP J . -6.47 13.37 5.79
C2 ANP J . -6.84 12.32 6.51
N3 ANP J . -8.00 12.11 7.14
C4 ANP J . -8.84 13.14 6.97
C10 NQ1 K . -14.03 22.77 2.44
C11 NQ1 K . -14.89 22.91 1.33
C12 NQ1 K . -15.38 24.17 0.97
C13 NQ1 K . -15.02 25.30 1.73
C14 NQ1 K . -14.19 25.16 2.83
C15 NQ1 K . -13.54 21.35 2.81
C01 NQ1 K . -9.82 21.61 3.59
C02 NQ1 K . -8.78 22.48 3.91
C04 NQ1 K . -9.07 23.78 4.36
C05 NQ1 K . -10.38 24.21 4.51
C06 NQ1 K . -11.42 23.31 4.20
C07 NQ1 K . -11.16 22.05 3.74
C09 NQ1 K . -13.71 23.87 3.18
C18 NQ1 K . -11.95 19.71 3.75
C19 NQ1 K . -11.47 18.79 2.63
C20 NQ1 K . -11.28 19.24 1.34
C21 NQ1 K . -10.83 18.35 0.37
C22 NQ1 K . -10.60 17.02 0.69
C23 NQ1 K . -10.79 16.58 1.98
C24 NQ1 K . -11.23 17.46 2.95
F03 NQ1 K . -7.49 22.08 3.76
N08 NQ1 K . -12.81 23.79 4.35
N17 NQ1 K . -12.23 21.09 3.40
O16 NQ1 K . -14.27 20.43 2.64
#